data_6JX1
#
_entry.id   6JX1
#
_cell.length_a   141.496
_cell.length_b   53.910
_cell.length_c   117.063
_cell.angle_alpha   90.00
_cell.angle_beta   121.37
_cell.angle_gamma   90.00
#
_symmetry.space_group_name_H-M   'C 1 2 1'
#
loop_
_entity.id
_entity.type
_entity.pdbx_description
1 polymer 'Formate dehydrogenase'
2 non-polymer GLYCEROL
3 water water
#
_entity_poly.entity_id   1
_entity_poly.type   'polypeptide(L)'
_entity_poly.pdbx_seq_one_letter_code
;MAKVLCVLYDDPVDGYPKTYARDDLPKIDHYPGGQTLPTPKAIDFTPGQLLGSVSGELGLRKYLESNGHTLVVTSDKDGP
DSVFERELVDADVVISQPFWPAYLTPERIAKAKNLKLALTAGIGSDHVDLQSAIDRNVTVAEVTYCNSISVAEHVVMMIL
SLVRNYLPSHEWARKGGWNIADCVSHAYDLEAMHVGTIAAGRIGLAVLRRLAPFDVHLHYTDRHRLPESVEKELNLTWHA
TREDMYPVCDVVTLNIPLHSPTEHMINDETLKLFKRGAYIVNTARGKLCDRDAVARALESGRLAGYAGDVWFPQPAPKDH
PWRTMPYNGMTPHISGTTLTAQARYAAGTREILECFFEGRPIRDEYLIVQGGALAGTGAHNYFKGNATGGSEEAAKFKKA
V
;
_entity_poly.pdbx_strand_id   A,B
#
loop_
_chem_comp.id
_chem_comp.type
_chem_comp.name
_chem_comp.formula
GOL non-polymer GLYCEROL 'C3 H8 O3'
#
# COMPACT_ATOMS: atom_id res chain seq x y z
N ALA A 2 39.73 -6.62 -21.01
CA ALA A 2 38.40 -6.43 -21.58
C ALA A 2 37.78 -5.11 -21.13
N LYS A 3 36.98 -4.51 -22.00
CA LYS A 3 36.27 -3.27 -21.70
C LYS A 3 34.81 -3.58 -21.39
N VAL A 4 34.37 -3.16 -20.20
CA VAL A 4 32.99 -3.35 -19.75
C VAL A 4 32.30 -2.00 -19.81
N LEU A 5 31.19 -1.93 -20.55
CA LEU A 5 30.43 -0.71 -20.77
C LEU A 5 29.10 -0.81 -20.01
N CYS A 6 28.93 0.02 -18.99
CA CYS A 6 27.81 -0.06 -18.07
C CYS A 6 27.00 1.22 -18.10
N VAL A 7 25.71 1.12 -18.44
CA VAL A 7 24.80 2.26 -18.50
C VAL A 7 23.92 2.24 -17.25
N LEU A 8 23.91 3.34 -16.51
CA LEU A 8 23.13 3.46 -15.29
C LEU A 8 22.38 4.80 -15.26
N TYR A 9 21.38 4.90 -14.40
CA TYR A 9 20.61 6.13 -14.33
C TYR A 9 21.32 7.18 -13.46
N ASP A 10 20.78 8.40 -13.49
CA ASP A 10 21.42 9.54 -12.85
C ASP A 10 21.46 9.41 -11.32
N ASP A 11 22.41 10.15 -10.72
CA ASP A 11 22.49 10.28 -9.27
C ASP A 11 21.34 11.16 -8.75
N PRO A 12 21.07 11.11 -7.44
CA PRO A 12 20.03 11.96 -6.87
C PRO A 12 20.31 13.45 -7.06
N VAL A 13 19.26 14.24 -6.89
CA VAL A 13 19.34 15.69 -7.12
C VAL A 13 20.42 16.32 -6.24
N ASP A 14 20.41 16.01 -4.95
CA ASP A 14 21.38 16.55 -4.00
C ASP A 14 22.74 15.83 -4.05
N GLY A 15 22.94 14.91 -4.98
CA GLY A 15 24.20 14.19 -5.08
C GLY A 15 24.11 12.76 -4.55
N TYR A 16 25.20 12.02 -4.79
CA TYR A 16 25.26 10.63 -4.35
C TYR A 16 25.20 10.59 -2.82
N PRO A 17 24.40 9.72 -2.23
CA PRO A 17 24.21 9.77 -0.77
C PRO A 17 25.44 9.27 -0.01
N LYS A 18 25.76 9.99 1.06
CA LYS A 18 26.82 9.61 1.98
C LYS A 18 26.31 8.70 3.09
N THR A 19 25.04 8.89 3.45
CA THR A 19 24.40 8.11 4.52
C THR A 19 23.03 7.61 4.10
N TYR A 20 22.62 6.51 4.70
CA TYR A 20 21.36 5.88 4.31
C TYR A 20 20.44 5.73 5.52
N ALA A 21 19.21 5.29 5.24
CA ALA A 21 18.20 5.20 6.28
C ALA A 21 18.47 4.04 7.23
N ARG A 22 19.06 2.95 6.75
CA ARG A 22 19.36 1.80 7.58
C ARG A 22 20.76 1.30 7.30
N ASP A 23 21.21 0.38 8.16
CA ASP A 23 22.58 -0.11 8.14
C ASP A 23 22.77 -1.40 7.35
N ASP A 24 21.74 -2.23 7.23
CA ASP A 24 21.85 -3.49 6.51
C ASP A 24 20.49 -3.88 5.97
N LEU A 25 20.48 -4.96 5.19
CA LEU A 25 19.26 -5.48 4.61
C LEU A 25 18.85 -6.78 5.28
N PRO A 26 17.56 -7.07 5.36
CA PRO A 26 17.11 -8.33 5.98
C PRO A 26 17.70 -9.54 5.29
N LYS A 27 17.98 -10.56 6.08
CA LYS A 27 18.60 -11.78 5.53
C LYS A 27 17.56 -12.59 4.77
N ILE A 28 17.84 -12.86 3.50
CA ILE A 28 17.04 -13.74 2.66
C ILE A 28 18.00 -14.75 2.04
N ASP A 29 17.57 -16.01 1.97
CA ASP A 29 18.44 -17.07 1.48
C ASP A 29 18.05 -17.60 0.10
N HIS A 30 16.77 -17.77 -0.18
CA HIS A 30 16.35 -18.27 -1.49
C HIS A 30 15.05 -17.60 -1.90
N TYR A 31 14.76 -17.69 -3.19
CA TYR A 31 13.50 -17.20 -3.74
C TYR A 31 12.41 -18.25 -3.54
N PRO A 32 11.13 -17.84 -3.60
CA PRO A 32 10.04 -18.82 -3.63
C PRO A 32 10.24 -19.80 -4.79
N GLY A 33 10.36 -21.08 -4.45
CA GLY A 33 10.61 -22.12 -5.42
C GLY A 33 11.93 -22.84 -5.25
N GLY A 34 12.90 -22.24 -4.54
CA GLY A 34 14.16 -22.88 -4.23
C GLY A 34 15.38 -22.26 -4.89
N GLN A 35 15.21 -21.42 -5.91
CA GLN A 35 16.37 -20.77 -6.53
C GLN A 35 17.07 -19.88 -5.51
N THR A 36 18.38 -20.09 -5.37
CA THR A 36 19.13 -19.32 -4.39
C THR A 36 19.44 -17.91 -4.92
N LEU A 37 19.68 -17.01 -3.98
CA LEU A 37 20.06 -15.66 -4.30
C LEU A 37 21.43 -15.66 -4.98
N PRO A 38 21.83 -14.55 -5.62
CA PRO A 38 23.11 -14.52 -6.33
C PRO A 38 24.26 -14.93 -5.43
N THR A 39 25.24 -15.61 -6.02
CA THR A 39 26.37 -16.18 -5.29
C THR A 39 27.69 -15.77 -5.92
N PRO A 40 28.04 -14.49 -5.87
CA PRO A 40 29.38 -14.10 -6.29
C PRO A 40 30.38 -14.56 -5.23
N LYS A 41 31.65 -14.55 -5.62
CA LYS A 41 32.68 -14.97 -4.67
C LYS A 41 33.09 -13.85 -3.73
N ALA A 42 32.73 -12.60 -4.04
CA ALA A 42 32.92 -11.47 -3.15
C ALA A 42 32.19 -10.28 -3.75
N ILE A 43 31.90 -9.31 -2.90
CA ILE A 43 31.33 -8.04 -3.33
C ILE A 43 32.15 -6.91 -2.71
N ASP A 44 32.24 -5.79 -3.43
CA ASP A 44 32.96 -4.62 -2.95
C ASP A 44 32.01 -3.48 -2.63
N PHE A 45 30.74 -3.80 -2.39
CA PHE A 45 29.78 -2.82 -1.90
C PHE A 45 29.14 -3.35 -0.62
N THR A 46 28.50 -2.44 0.10
CA THR A 46 27.72 -2.81 1.28
C THR A 46 26.25 -2.89 0.89
N PRO A 47 25.60 -4.06 1.05
CA PRO A 47 24.16 -4.14 0.74
C PRO A 47 23.36 -3.02 1.37
N GLY A 48 22.62 -2.28 0.54
CA GLY A 48 21.90 -1.10 0.97
C GLY A 48 22.38 0.19 0.33
N GLN A 49 23.53 0.20 -0.33
CA GLN A 49 24.00 1.40 -1.01
C GLN A 49 23.30 1.55 -2.36
N LEU A 50 23.22 2.80 -2.81
CA LEU A 50 22.68 3.10 -4.15
C LEU A 50 23.67 2.62 -5.21
N LEU A 51 23.33 1.51 -5.88
CA LEU A 51 24.23 0.91 -6.86
C LEU A 51 23.82 1.11 -8.31
N GLY A 52 22.56 1.44 -8.57
CA GLY A 52 22.05 1.57 -9.92
C GLY A 52 22.24 2.92 -10.57
N SER A 53 22.88 3.85 -9.87
CA SER A 53 23.18 5.17 -10.42
C SER A 53 24.65 5.24 -10.86
N VAL A 54 24.98 6.33 -11.56
CA VAL A 54 26.28 6.40 -12.23
C VAL A 54 27.42 6.31 -11.22
N SER A 55 27.26 6.93 -10.04
CA SER A 55 28.31 6.88 -9.03
C SER A 55 28.33 5.57 -8.26
N GLY A 56 27.27 4.78 -8.34
CA GLY A 56 27.24 3.49 -7.66
C GLY A 56 27.99 2.42 -8.42
N GLU A 57 27.89 2.46 -9.75
CA GLU A 57 28.65 1.60 -10.65
C GLU A 57 28.43 0.11 -10.38
N LEU A 58 27.30 -0.24 -9.77
CA LEU A 58 26.98 -1.63 -9.40
C LEU A 58 28.09 -2.27 -8.57
N GLY A 59 28.94 -1.45 -7.95
CA GLY A 59 30.03 -1.97 -7.14
C GLY A 59 31.06 -2.77 -7.90
N LEU A 60 31.35 -2.38 -9.15
CA LEU A 60 32.13 -3.21 -10.05
C LEU A 60 33.55 -2.72 -10.32
N ARG A 61 33.84 -1.44 -10.07
CA ARG A 61 35.08 -0.86 -10.59
C ARG A 61 36.32 -1.54 -10.02
N LYS A 62 36.39 -1.67 -8.69
CA LYS A 62 37.56 -2.28 -8.08
C LYS A 62 37.78 -3.70 -8.59
N TYR A 63 36.70 -4.46 -8.77
CA TYR A 63 36.83 -5.83 -9.25
C TYR A 63 37.41 -5.88 -10.66
N LEU A 64 36.92 -5.02 -11.56
CA LEU A 64 37.35 -5.11 -12.94
C LEU A 64 38.70 -4.43 -13.17
N GLU A 65 38.95 -3.31 -12.50
CA GLU A 65 40.21 -2.62 -12.71
C GLU A 65 41.38 -3.39 -12.07
N SER A 66 41.14 -4.07 -10.95
CA SER A 66 42.21 -4.86 -10.35
C SER A 66 42.55 -6.11 -11.15
N ASN A 67 41.70 -6.49 -12.11
CA ASN A 67 41.95 -7.65 -12.95
C ASN A 67 42.35 -7.28 -14.38
N GLY A 68 42.72 -6.02 -14.61
CA GLY A 68 43.19 -5.59 -15.89
C GLY A 68 42.12 -5.09 -16.84
N HIS A 69 40.87 -4.98 -16.40
CA HIS A 69 39.78 -4.55 -17.26
C HIS A 69 39.52 -3.07 -17.07
N THR A 70 38.82 -2.48 -18.05
CA THR A 70 38.33 -1.11 -17.98
C THR A 70 36.83 -1.12 -17.81
N LEU A 71 36.32 -0.12 -17.10
CA LEU A 71 34.89 0.06 -16.89
C LEU A 71 34.51 1.48 -17.24
N VAL A 72 33.59 1.64 -18.19
CA VAL A 72 33.06 2.94 -18.60
C VAL A 72 31.61 2.98 -18.18
N VAL A 73 31.28 3.88 -17.25
CA VAL A 73 29.93 4.07 -16.75
C VAL A 73 29.37 5.37 -17.32
N THR A 74 28.12 5.32 -17.80
CA THR A 74 27.49 6.51 -18.36
C THR A 74 25.98 6.39 -18.24
N SER A 75 25.32 7.54 -18.29
CA SER A 75 23.86 7.60 -18.38
C SER A 75 23.38 8.05 -19.75
N ASP A 76 24.29 8.25 -20.69
CA ASP A 76 23.99 8.77 -22.02
C ASP A 76 23.83 7.59 -22.98
N LYS A 77 22.59 7.24 -23.30
CA LYS A 77 22.30 5.97 -23.95
C LYS A 77 21.47 6.06 -25.23
N ASP A 78 20.94 7.23 -25.59
CA ASP A 78 20.01 7.34 -26.69
C ASP A 78 20.66 8.00 -27.90
N GLY A 79 20.36 7.49 -29.09
CA GLY A 79 20.80 8.10 -30.31
C GLY A 79 22.22 7.73 -30.70
N PRO A 80 22.58 7.98 -31.96
CA PRO A 80 23.92 7.59 -32.44
C PRO A 80 25.04 8.43 -31.87
N ASP A 81 24.74 9.60 -31.32
CA ASP A 81 25.77 10.50 -30.79
C ASP A 81 25.93 10.37 -29.28
N SER A 82 25.38 9.33 -28.68
CA SER A 82 25.48 9.14 -27.24
C SER A 82 26.84 8.56 -26.86
N VAL A 83 27.21 8.75 -25.59
CA VAL A 83 28.42 8.14 -25.06
C VAL A 83 28.37 6.62 -25.23
N PHE A 84 27.18 6.03 -25.03
CA PHE A 84 27.04 4.59 -25.14
C PHE A 84 27.42 4.09 -26.54
N GLU A 85 26.84 4.70 -27.58
CA GLU A 85 27.11 4.24 -28.94
C GLU A 85 28.56 4.48 -29.34
N ARG A 86 29.20 5.48 -28.72
CA ARG A 86 30.60 5.76 -29.05
C ARG A 86 31.52 4.73 -28.40
N GLU A 87 31.29 4.42 -27.13
CA GLU A 87 32.09 3.43 -26.42
C GLU A 87 31.77 2.00 -26.81
N LEU A 88 30.68 1.77 -27.55
CA LEU A 88 30.21 0.43 -27.84
C LEU A 88 31.04 -0.30 -28.88
N VAL A 89 31.84 0.42 -29.67
CA VAL A 89 32.53 -0.20 -30.81
C VAL A 89 33.54 -1.23 -30.35
N ASP A 90 34.22 -0.98 -29.23
CA ASP A 90 35.21 -1.90 -28.70
C ASP A 90 34.79 -2.54 -27.38
N ALA A 91 33.56 -2.35 -26.94
CA ALA A 91 33.11 -2.91 -25.67
C ALA A 91 32.96 -4.42 -25.77
N ASP A 92 33.57 -5.14 -24.82
CA ASP A 92 33.42 -6.59 -24.78
C ASP A 92 32.12 -7.00 -24.09
N VAL A 93 31.76 -6.28 -23.02
CA VAL A 93 30.58 -6.60 -22.22
C VAL A 93 29.71 -5.34 -22.13
N VAL A 94 28.40 -5.52 -22.27
CA VAL A 94 27.42 -4.44 -22.14
C VAL A 94 26.50 -4.76 -20.97
N ILE A 95 26.37 -3.81 -20.04
CA ILE A 95 25.51 -3.94 -18.86
C ILE A 95 24.57 -2.75 -18.81
N SER A 96 23.27 -3.02 -18.61
CA SER A 96 22.31 -1.95 -18.37
C SER A 96 21.12 -2.53 -17.62
N GLN A 97 20.31 -1.61 -17.01
CA GLN A 97 19.11 -1.95 -16.27
C GLN A 97 17.87 -1.68 -17.11
N PRO A 98 16.81 -2.49 -16.95
CA PRO A 98 15.55 -2.18 -17.62
C PRO A 98 14.98 -0.82 -17.25
N PHE A 99 15.38 -0.25 -16.10
CA PHE A 99 14.90 1.06 -15.68
C PHE A 99 15.63 2.21 -16.36
N TRP A 100 16.76 1.93 -17.03
CA TRP A 100 17.47 2.93 -17.84
C TRP A 100 18.21 2.17 -18.93
N PRO A 101 17.49 1.62 -19.90
CA PRO A 101 18.07 0.58 -20.77
C PRO A 101 18.81 1.12 -21.98
N ALA A 102 19.99 0.52 -22.22
CA ALA A 102 20.75 0.75 -23.44
C ALA A 102 20.36 -0.30 -24.48
N TYR A 103 19.66 0.13 -25.52
CA TYR A 103 19.12 -0.80 -26.51
C TYR A 103 20.23 -1.34 -27.40
N LEU A 104 20.27 -2.67 -27.55
CA LEU A 104 21.15 -3.32 -28.51
C LEU A 104 20.33 -3.67 -29.75
N THR A 105 20.14 -2.66 -30.60
CA THR A 105 19.48 -2.85 -31.88
C THR A 105 20.39 -3.61 -32.83
N PRO A 106 19.83 -4.22 -33.89
CA PRO A 106 20.71 -4.88 -34.88
C PRO A 106 21.76 -3.95 -35.45
N GLU A 107 21.40 -2.69 -35.71
CA GLU A 107 22.37 -1.70 -36.16
C GLU A 107 23.51 -1.55 -35.15
N ARG A 108 23.16 -1.38 -33.86
CA ARG A 108 24.19 -1.17 -32.84
C ARG A 108 25.06 -2.42 -32.63
N ILE A 109 24.44 -3.60 -32.67
CA ILE A 109 25.22 -4.83 -32.55
C ILE A 109 26.18 -4.97 -33.72
N ALA A 110 25.76 -4.53 -34.91
CA ALA A 110 26.66 -4.54 -36.05
C ALA A 110 27.87 -3.65 -35.81
N LYS A 111 27.69 -2.54 -35.09
CA LYS A 111 28.80 -1.65 -34.78
C LYS A 111 29.69 -2.17 -33.65
N ALA A 112 29.23 -3.15 -32.87
CA ALA A 112 29.95 -3.61 -31.68
C ALA A 112 30.86 -4.75 -32.12
N LYS A 113 32.07 -4.38 -32.56
CA LYS A 113 32.99 -5.35 -33.16
C LYS A 113 33.66 -6.24 -32.14
N ASN A 114 33.57 -5.93 -30.85
CA ASN A 114 34.16 -6.76 -29.80
C ASN A 114 33.13 -7.50 -28.95
N LEU A 115 31.84 -7.29 -29.19
CA LEU A 115 30.81 -7.71 -28.24
C LEU A 115 30.81 -9.22 -28.03
N LYS A 116 30.76 -9.62 -26.75
CA LYS A 116 30.72 -11.04 -26.39
C LYS A 116 29.65 -11.34 -25.34
N LEU A 117 29.26 -10.34 -24.54
CA LEU A 117 28.34 -10.57 -23.44
C LEU A 117 27.42 -9.37 -23.28
N ALA A 118 26.11 -9.62 -23.25
CA ALA A 118 25.11 -8.61 -22.98
C ALA A 118 24.40 -8.99 -21.68
N LEU A 119 24.59 -8.17 -20.64
CA LEU A 119 24.15 -8.47 -19.29
C LEU A 119 23.05 -7.50 -18.89
N THR A 120 21.90 -8.03 -18.46
CA THR A 120 20.81 -7.22 -17.94
C THR A 120 20.91 -7.20 -16.41
N ALA A 121 21.24 -6.04 -15.86
CA ALA A 121 21.24 -5.85 -14.41
C ALA A 121 19.79 -5.69 -13.95
N GLY A 122 19.10 -6.82 -13.82
CA GLY A 122 17.67 -6.81 -13.56
C GLY A 122 16.93 -7.88 -14.34
N ILE A 123 15.69 -7.61 -14.73
CA ILE A 123 14.85 -8.61 -15.37
C ILE A 123 14.27 -8.04 -16.66
N GLY A 124 14.40 -8.80 -17.73
CA GLY A 124 13.86 -8.43 -19.03
C GLY A 124 14.99 -8.13 -20.00
N SER A 125 14.85 -8.62 -21.22
CA SER A 125 15.85 -8.36 -22.25
C SER A 125 15.21 -7.88 -23.54
N ASP A 126 14.08 -7.18 -23.44
CA ASP A 126 13.39 -6.70 -24.64
C ASP A 126 14.19 -5.64 -25.36
N HIS A 127 15.17 -5.02 -24.71
CA HIS A 127 16.05 -4.05 -25.32
C HIS A 127 17.19 -4.68 -26.12
N VAL A 128 17.28 -6.01 -26.19
CA VAL A 128 18.36 -6.71 -26.88
C VAL A 128 17.75 -7.54 -28.00
N ASP A 129 18.20 -7.29 -29.23
CA ASP A 129 17.74 -8.07 -30.39
C ASP A 129 18.37 -9.45 -30.33
N LEU A 130 17.57 -10.44 -29.95
CA LEU A 130 18.12 -11.78 -29.68
C LEU A 130 18.63 -12.46 -30.95
N GLN A 131 18.01 -12.18 -32.10
CA GLN A 131 18.46 -12.77 -33.35
C GLN A 131 19.88 -12.34 -33.68
N SER A 132 20.18 -11.04 -33.53
CA SER A 132 21.53 -10.56 -33.82
C SER A 132 22.55 -11.12 -32.83
N ALA A 133 22.14 -11.34 -31.58
CA ALA A 133 23.03 -11.97 -30.61
C ALA A 133 23.34 -13.40 -31.01
N ILE A 134 22.33 -14.13 -31.46
CA ILE A 134 22.54 -15.52 -31.90
C ILE A 134 23.51 -15.56 -33.07
N ASP A 135 23.30 -14.67 -34.06
CA ASP A 135 24.13 -14.66 -35.25
C ASP A 135 25.57 -14.26 -34.96
N ARG A 136 25.82 -13.66 -33.80
CA ARG A 136 27.15 -13.16 -33.45
C ARG A 136 27.74 -13.90 -32.26
N ASN A 137 27.09 -14.98 -31.82
CA ASN A 137 27.54 -15.78 -30.68
C ASN A 137 27.75 -14.91 -29.44
N VAL A 138 26.81 -14.01 -29.21
CA VAL A 138 26.83 -13.16 -28.03
C VAL A 138 25.97 -13.80 -26.95
N THR A 139 26.53 -13.94 -25.75
CA THR A 139 25.77 -14.45 -24.62
C THR A 139 24.89 -13.33 -24.06
N VAL A 140 23.62 -13.65 -23.83
CA VAL A 140 22.66 -12.73 -23.24
C VAL A 140 22.16 -13.36 -21.93
N ALA A 141 22.44 -12.70 -20.81
CA ALA A 141 22.05 -13.19 -19.49
C ALA A 141 21.42 -12.07 -18.68
N GLU A 142 20.61 -12.47 -17.70
CA GLU A 142 20.02 -11.53 -16.74
C GLU A 142 19.93 -12.20 -15.38
N VAL A 143 19.77 -11.37 -14.35
CA VAL A 143 19.73 -11.86 -12.96
C VAL A 143 18.28 -12.21 -12.67
N THR A 144 17.91 -13.43 -13.05
CA THR A 144 16.55 -13.91 -12.90
C THR A 144 16.10 -13.88 -11.43
N TYR A 145 14.87 -13.42 -11.22
CA TYR A 145 14.16 -13.41 -9.93
C TYR A 145 14.65 -12.31 -8.99
N CYS A 146 15.53 -11.42 -9.46
CA CYS A 146 16.17 -10.49 -8.53
C CYS A 146 15.17 -9.50 -7.92
N ASN A 147 14.12 -9.09 -8.65
CA ASN A 147 13.21 -8.08 -8.12
C ASN A 147 11.75 -8.46 -8.33
N SER A 148 11.46 -9.73 -8.60
CA SER A 148 10.08 -10.16 -8.79
C SER A 148 9.24 -9.87 -7.55
N ILE A 149 9.78 -10.15 -6.36
CA ILE A 149 9.05 -9.88 -5.13
C ILE A 149 8.89 -8.38 -4.93
N SER A 150 9.91 -7.60 -5.31
CA SER A 150 9.82 -6.15 -5.21
C SER A 150 8.65 -5.61 -6.02
N VAL A 151 8.50 -6.09 -7.25
CA VAL A 151 7.38 -5.66 -8.09
C VAL A 151 6.05 -6.06 -7.45
N ALA A 152 5.98 -7.27 -6.89
CA ALA A 152 4.73 -7.75 -6.30
C ALA A 152 4.31 -6.89 -5.11
N GLU A 153 5.27 -6.50 -4.27
CA GLU A 153 4.98 -5.58 -3.19
C GLU A 153 4.44 -4.25 -3.72
N HIS A 154 5.06 -3.73 -4.78
CA HIS A 154 4.62 -2.47 -5.37
C HIS A 154 3.17 -2.57 -5.84
N VAL A 155 2.78 -3.73 -6.37
CA VAL A 155 1.44 -3.89 -6.92
C VAL A 155 0.38 -3.91 -5.81
N VAL A 156 0.61 -4.73 -4.78
CA VAL A 156 -0.36 -4.81 -3.68
C VAL A 156 -0.50 -3.46 -2.99
N MET A 157 0.61 -2.74 -2.80
CA MET A 157 0.55 -1.41 -2.24
C MET A 157 -0.31 -0.47 -3.09
N MET A 158 -0.16 -0.55 -4.42
CA MET A 158 -0.93 0.32 -5.29
C MET A 158 -2.40 -0.06 -5.34
N ILE A 159 -2.72 -1.35 -5.19
CA ILE A 159 -4.11 -1.77 -5.10
C ILE A 159 -4.77 -1.14 -3.88
N LEU A 160 -4.14 -1.30 -2.71
CA LEU A 160 -4.71 -0.75 -1.47
C LEU A 160 -4.85 0.76 -1.55
N SER A 161 -3.82 1.45 -2.08
CA SER A 161 -3.86 2.90 -2.16
C SER A 161 -5.00 3.39 -3.05
N LEU A 162 -5.23 2.70 -4.17
CA LEU A 162 -6.29 3.11 -5.08
C LEU A 162 -7.67 2.89 -4.47
N VAL A 163 -7.91 1.70 -3.93
CA VAL A 163 -9.23 1.36 -3.40
C VAL A 163 -9.57 2.23 -2.19
N ARG A 164 -8.59 2.49 -1.32
CA ARG A 164 -8.82 3.23 -0.09
C ARG A 164 -8.61 4.72 -0.23
N ASN A 165 -8.31 5.21 -1.43
CA ASN A 165 -8.17 6.64 -1.69
C ASN A 165 -7.05 7.27 -0.86
N TYR A 166 -5.91 6.56 -0.77
CA TYR A 166 -4.83 6.97 0.11
C TYR A 166 -4.19 8.28 -0.33
N LEU A 167 -3.93 8.42 -1.64
CA LEU A 167 -3.11 9.56 -2.09
C LEU A 167 -3.84 10.89 -1.97
N PRO A 168 -5.11 11.02 -2.39
CA PRO A 168 -5.81 12.28 -2.09
C PRO A 168 -5.99 12.54 -0.61
N SER A 169 -6.19 11.48 0.18
CA SER A 169 -6.33 11.65 1.63
C SER A 169 -5.06 12.21 2.25
N HIS A 170 -3.91 11.69 1.85
CA HIS A 170 -2.64 12.22 2.35
C HIS A 170 -2.44 13.68 1.95
N GLU A 171 -2.88 14.04 0.74
CA GLU A 171 -2.73 15.44 0.32
C GLU A 171 -3.56 16.37 1.19
N TRP A 172 -4.75 15.95 1.60
CA TRP A 172 -5.52 16.76 2.55
C TRP A 172 -4.73 17.03 3.83
N ALA A 173 -4.03 16.01 4.34
CA ALA A 173 -3.19 16.21 5.53
C ALA A 173 -2.07 17.19 5.27
N ARG A 174 -1.37 17.02 4.15
CA ARG A 174 -0.23 17.87 3.79
C ARG A 174 -0.61 19.32 3.53
N LYS A 175 -1.77 19.58 2.96
CA LYS A 175 -2.11 20.96 2.65
C LYS A 175 -2.75 21.70 3.82
N GLY A 176 -2.89 21.04 4.97
CA GLY A 176 -3.45 21.67 6.14
C GLY A 176 -4.94 21.55 6.31
N GLY A 177 -5.60 20.69 5.53
CA GLY A 177 -7.03 20.48 5.64
C GLY A 177 -7.37 19.30 6.54
N TRP A 178 -8.66 18.99 6.58
CA TRP A 178 -9.18 17.87 7.36
C TRP A 178 -10.14 17.05 6.50
N ASN A 179 -11.33 17.59 6.26
CA ASN A 179 -12.21 17.16 5.18
C ASN A 179 -12.39 15.64 5.13
N ILE A 180 -13.00 15.11 6.17
CA ILE A 180 -13.21 13.66 6.26
C ILE A 180 -14.05 13.18 5.09
N ALA A 181 -15.17 13.86 4.82
CA ALA A 181 -16.08 13.42 3.78
C ALA A 181 -15.43 13.52 2.40
N ASP A 182 -14.57 14.52 2.19
CA ASP A 182 -13.85 14.63 0.92
C ASP A 182 -12.86 13.48 0.76
N CYS A 183 -12.29 13.00 1.85
CA CYS A 183 -11.40 11.84 1.79
C CYS A 183 -12.16 10.58 1.42
N VAL A 184 -13.28 10.32 2.09
CA VAL A 184 -13.88 8.98 2.11
C VAL A 184 -15.00 8.81 1.09
N SER A 185 -15.36 9.85 0.34
CA SER A 185 -16.43 9.67 -0.64
C SER A 185 -15.97 8.87 -1.85
N HIS A 186 -14.68 8.51 -1.91
CA HIS A 186 -14.14 7.65 -2.96
C HIS A 186 -13.32 6.51 -2.36
N ALA A 187 -13.56 6.17 -1.09
CA ALA A 187 -12.73 5.23 -0.36
C ALA A 187 -13.55 4.00 0.01
N TYR A 188 -12.99 2.83 -0.27
CA TYR A 188 -13.65 1.56 0.01
C TYR A 188 -12.67 0.63 0.72
N ASP A 189 -13.21 -0.46 1.27
CA ASP A 189 -12.38 -1.56 1.73
C ASP A 189 -12.07 -2.48 0.56
N LEU A 190 -10.90 -3.12 0.62
CA LEU A 190 -10.54 -4.11 -0.39
C LEU A 190 -11.17 -5.47 -0.10
N GLU A 191 -11.48 -5.74 1.15
CA GLU A 191 -12.04 -7.03 1.58
C GLU A 191 -13.20 -7.45 0.68
N ALA A 192 -13.17 -8.71 0.26
CA ALA A 192 -14.20 -9.38 -0.53
C ALA A 192 -14.31 -8.88 -1.97
N MET A 193 -13.43 -7.97 -2.40
CA MET A 193 -13.44 -7.61 -3.81
C MET A 193 -12.87 -8.76 -4.64
N HIS A 194 -13.15 -8.72 -5.94
CA HIS A 194 -12.65 -9.70 -6.89
C HIS A 194 -11.42 -9.12 -7.59
N VAL A 195 -10.29 -9.83 -7.49
CA VAL A 195 -9.02 -9.37 -8.03
C VAL A 195 -8.48 -10.44 -8.97
N GLY A 196 -8.06 -10.02 -10.16
CA GLY A 196 -7.53 -10.94 -11.14
C GLY A 196 -6.22 -10.45 -11.71
N THR A 197 -5.38 -11.41 -12.11
CA THR A 197 -4.11 -11.11 -12.75
C THR A 197 -4.04 -11.82 -14.10
N ILE A 198 -3.41 -11.16 -15.08
CA ILE A 198 -3.33 -11.72 -16.43
C ILE A 198 -2.22 -12.76 -16.59
N ALA A 199 -1.32 -12.88 -15.62
CA ALA A 199 -0.25 -13.85 -15.71
C ALA A 199 0.08 -14.36 -14.31
N ALA A 200 0.34 -15.67 -14.21
CA ALA A 200 0.65 -16.25 -12.91
C ALA A 200 2.11 -16.66 -12.83
N GLY A 201 3.01 -15.75 -13.18
CA GLY A 201 4.43 -15.98 -13.08
C GLY A 201 4.98 -15.68 -11.71
N ARG A 202 6.27 -15.39 -11.65
CA ARG A 202 6.91 -15.05 -10.38
C ARG A 202 6.23 -13.86 -9.73
N ILE A 203 5.98 -12.81 -10.51
CA ILE A 203 5.28 -11.64 -9.98
C ILE A 203 3.82 -11.99 -9.67
N GLY A 204 3.09 -12.46 -10.69
CA GLY A 204 1.68 -12.74 -10.52
C GLY A 204 1.37 -13.69 -9.38
N LEU A 205 2.23 -14.69 -9.16
CA LEU A 205 1.95 -15.64 -8.09
C LEU A 205 2.33 -15.08 -6.73
N ALA A 206 3.37 -14.24 -6.66
CA ALA A 206 3.67 -13.56 -5.41
C ALA A 206 2.57 -12.57 -5.06
N VAL A 207 1.99 -11.92 -6.07
CA VAL A 207 0.85 -11.03 -5.84
C VAL A 207 -0.34 -11.81 -5.32
N LEU A 208 -0.62 -12.96 -5.94
CA LEU A 208 -1.76 -13.78 -5.52
C LEU A 208 -1.62 -14.20 -4.07
N ARG A 209 -0.44 -14.66 -3.68
CA ARG A 209 -0.23 -15.09 -2.29
C ARG A 209 -0.39 -13.93 -1.32
N ARG A 210 0.02 -12.72 -1.70
CA ARG A 210 -0.06 -11.57 -0.80
C ARG A 210 -1.48 -11.03 -0.69
N LEU A 211 -2.29 -11.18 -1.73
CA LEU A 211 -3.66 -10.71 -1.68
C LEU A 211 -4.58 -11.66 -0.90
N ALA A 212 -4.22 -12.93 -0.81
CA ALA A 212 -5.09 -13.94 -0.21
C ALA A 212 -5.58 -13.60 1.20
N PRO A 213 -4.73 -13.22 2.16
CA PRO A 213 -5.24 -12.96 3.51
C PRO A 213 -6.14 -11.74 3.61
N PHE A 214 -6.23 -10.92 2.56
CA PHE A 214 -7.15 -9.80 2.56
C PHE A 214 -8.59 -10.24 2.32
N ASP A 215 -8.81 -11.55 2.13
CA ASP A 215 -10.14 -12.13 1.96
C ASP A 215 -10.80 -11.60 0.68
N VAL A 216 -10.02 -11.47 -0.37
CA VAL A 216 -10.50 -11.12 -1.69
C VAL A 216 -10.74 -12.41 -2.47
N HIS A 217 -11.49 -12.32 -3.56
CA HIS A 217 -11.71 -13.46 -4.45
C HIS A 217 -10.74 -13.35 -5.62
N LEU A 218 -9.87 -14.35 -5.75
CA LEU A 218 -8.72 -14.29 -6.64
C LEU A 218 -9.01 -14.97 -7.96
N HIS A 219 -8.70 -14.29 -9.07
CA HIS A 219 -8.86 -14.81 -10.41
C HIS A 219 -7.53 -14.68 -11.16
N TYR A 220 -7.40 -15.45 -12.24
CA TYR A 220 -6.20 -15.34 -13.05
C TYR A 220 -6.45 -15.99 -14.40
N THR A 221 -5.75 -15.48 -15.40
CA THR A 221 -5.60 -16.11 -16.69
C THR A 221 -4.11 -16.24 -16.96
N ASP A 222 -3.77 -17.04 -17.94
CA ASP A 222 -2.36 -17.28 -18.25
C ASP A 222 -2.35 -18.02 -19.57
N ARG A 223 -1.15 -18.20 -20.10
CA ARG A 223 -1.02 -19.03 -21.27
C ARG A 223 -1.44 -20.45 -20.89
N HIS A 224 -1.02 -20.88 -19.70
CA HIS A 224 -0.92 -22.26 -19.24
C HIS A 224 -1.43 -22.33 -17.80
N ARG A 225 -2.28 -23.32 -17.49
CA ARG A 225 -2.85 -23.35 -16.14
C ARG A 225 -1.79 -23.68 -15.09
N LEU A 226 -2.06 -23.27 -13.85
CA LEU A 226 -1.26 -23.68 -12.71
C LEU A 226 -1.65 -25.09 -12.31
N PRO A 227 -0.81 -25.80 -11.55
CA PRO A 227 -1.27 -27.07 -10.98
C PRO A 227 -2.51 -26.86 -10.12
N GLU A 228 -3.41 -27.84 -10.14
CA GLU A 228 -4.57 -27.71 -9.26
C GLU A 228 -4.19 -27.84 -7.80
N SER A 229 -2.95 -28.26 -7.52
CA SER A 229 -2.41 -28.13 -6.17
C SER A 229 -2.43 -26.67 -5.73
N VAL A 230 -1.96 -25.77 -6.59
CA VAL A 230 -1.82 -24.36 -6.21
C VAL A 230 -3.16 -23.63 -6.36
N GLU A 231 -3.95 -23.99 -7.38
CA GLU A 231 -5.28 -23.41 -7.51
C GLU A 231 -6.14 -23.73 -6.30
N LYS A 232 -5.94 -24.89 -5.68
CA LYS A 232 -6.69 -25.24 -4.48
C LYS A 232 -6.21 -24.42 -3.29
N GLU A 233 -4.89 -24.38 -3.08
CA GLU A 233 -4.29 -23.69 -1.94
C GLU A 233 -4.75 -22.26 -1.82
N LEU A 234 -4.90 -21.56 -2.95
CA LEU A 234 -5.26 -20.15 -2.90
C LEU A 234 -6.62 -19.85 -3.50
N ASN A 235 -7.36 -20.90 -3.82
CA ASN A 235 -8.81 -20.84 -3.97
C ASN A 235 -9.11 -19.88 -5.13
N LEU A 236 -8.32 -20.09 -6.19
CA LEU A 236 -8.29 -19.30 -7.42
C LEU A 236 -9.34 -19.73 -8.43
N THR A 237 -9.80 -18.77 -9.24
CA THR A 237 -10.68 -19.02 -10.38
C THR A 237 -9.92 -18.85 -11.69
N TRP A 238 -9.99 -19.87 -12.55
CA TRP A 238 -9.28 -19.88 -13.82
C TRP A 238 -10.15 -19.26 -14.91
N HIS A 239 -9.51 -18.51 -15.80
CA HIS A 239 -10.14 -17.97 -17.00
C HIS A 239 -9.26 -18.28 -18.19
N ALA A 240 -9.87 -18.80 -19.26
CA ALA A 240 -9.10 -19.15 -20.44
C ALA A 240 -8.65 -17.91 -21.21
N THR A 241 -9.37 -16.81 -21.09
CA THR A 241 -9.03 -15.57 -21.79
C THR A 241 -9.05 -14.41 -20.81
N ARG A 242 -8.37 -13.33 -21.19
CA ARG A 242 -8.36 -12.13 -20.36
C ARG A 242 -9.77 -11.56 -20.19
N GLU A 243 -10.40 -11.44 -21.37
CA GLU A 243 -11.74 -10.91 -21.64
C GLU A 243 -12.80 -11.66 -20.83
N ASP A 244 -12.56 -12.92 -20.53
CA ASP A 244 -13.47 -13.65 -19.66
C ASP A 244 -13.27 -13.23 -18.20
N MET A 245 -12.08 -12.75 -17.85
CA MET A 245 -11.76 -12.36 -16.48
C MET A 245 -12.11 -10.92 -16.12
N TYR A 246 -11.86 -9.97 -17.03
CA TYR A 246 -12.13 -8.55 -16.75
C TYR A 246 -13.50 -8.27 -16.16
N PRO A 247 -14.62 -8.76 -16.70
CA PRO A 247 -15.94 -8.28 -16.24
C PRO A 247 -16.32 -8.71 -14.84
N VAL A 248 -15.70 -9.76 -14.28
CA VAL A 248 -16.03 -10.18 -12.92
C VAL A 248 -15.13 -9.54 -11.87
N CYS A 249 -14.13 -8.77 -12.30
CA CYS A 249 -13.06 -8.31 -11.41
C CYS A 249 -13.31 -6.88 -10.97
N ASP A 250 -13.13 -6.62 -9.67
CA ASP A 250 -13.05 -5.25 -9.17
C ASP A 250 -11.67 -4.65 -9.41
N VAL A 251 -10.61 -5.46 -9.39
CA VAL A 251 -9.24 -5.01 -9.55
C VAL A 251 -8.53 -5.92 -10.54
N VAL A 252 -7.85 -5.33 -11.52
CA VAL A 252 -7.07 -6.07 -12.51
C VAL A 252 -5.64 -5.55 -12.47
N THR A 253 -4.68 -6.48 -12.34
CA THR A 253 -3.26 -6.16 -12.36
C THR A 253 -2.62 -6.80 -13.59
N LEU A 254 -1.87 -5.99 -14.35
CA LEU A 254 -1.14 -6.46 -15.52
C LEU A 254 0.36 -6.55 -15.23
N ASN A 255 0.89 -7.77 -15.15
CA ASN A 255 2.34 -7.97 -15.09
C ASN A 255 2.85 -8.92 -16.16
N ILE A 256 4.18 -8.96 -16.22
CA ILE A 256 4.96 -9.86 -17.07
C ILE A 256 4.96 -11.24 -16.41
N PRO A 257 5.06 -12.33 -17.18
CA PRO A 257 5.31 -12.37 -18.63
C PRO A 257 4.08 -12.10 -19.48
N LEU A 258 4.27 -11.34 -20.56
CA LEU A 258 3.19 -11.07 -21.51
C LEU A 258 3.15 -12.15 -22.57
N HIS A 259 2.04 -12.87 -22.56
CA HIS A 259 1.77 -14.00 -23.48
C HIS A 259 1.53 -13.38 -24.84
N SER A 260 0.58 -12.46 -24.91
CA SER A 260 0.46 -11.83 -26.22
C SER A 260 0.70 -10.34 -26.07
N PRO A 261 1.94 -9.83 -26.20
CA PRO A 261 2.19 -8.40 -26.18
C PRO A 261 1.61 -7.70 -27.42
N THR A 262 0.31 -7.43 -27.36
CA THR A 262 -0.42 -6.70 -28.39
C THR A 262 -0.43 -5.28 -27.83
N GLU A 263 0.11 -4.32 -28.55
CA GLU A 263 0.06 -2.94 -28.05
C GLU A 263 -1.40 -2.52 -28.00
N HIS A 264 -1.74 -1.77 -26.98
CA HIS A 264 -3.07 -1.18 -26.84
C HIS A 264 -4.14 -2.25 -26.65
N MET A 265 -3.79 -3.35 -25.98
CA MET A 265 -4.79 -4.39 -25.75
C MET A 265 -5.84 -3.95 -24.73
N ILE A 266 -5.58 -2.89 -23.99
CA ILE A 266 -6.59 -2.21 -23.20
C ILE A 266 -6.79 -0.83 -23.82
N ASN A 267 -7.97 -0.62 -24.40
CA ASN A 267 -8.30 0.57 -25.15
C ASN A 267 -9.78 0.89 -24.88
N ASP A 268 -10.29 1.91 -25.58
CA ASP A 268 -11.67 2.32 -25.36
C ASP A 268 -12.65 1.17 -25.57
N GLU A 269 -12.40 0.33 -26.58
CA GLU A 269 -13.32 -0.77 -26.85
C GLU A 269 -13.25 -1.84 -25.77
N THR A 270 -12.03 -2.25 -25.38
CA THR A 270 -11.88 -3.31 -24.38
C THR A 270 -12.31 -2.84 -22.99
N LEU A 271 -12.17 -1.55 -22.69
CA LEU A 271 -12.55 -1.05 -21.38
C LEU A 271 -14.05 -1.12 -21.16
N LYS A 272 -14.84 -1.34 -22.22
CA LYS A 272 -16.27 -1.59 -22.04
C LYS A 272 -16.53 -2.92 -21.36
N LEU A 273 -15.53 -3.80 -21.32
CA LEU A 273 -15.66 -5.09 -20.65
C LEU A 273 -15.38 -5.01 -19.14
N PHE A 274 -14.90 -3.88 -18.64
CA PHE A 274 -14.59 -3.72 -17.23
C PHE A 274 -15.80 -3.18 -16.48
N LYS A 275 -15.98 -3.63 -15.25
CA LYS A 275 -17.04 -3.08 -14.41
C LYS A 275 -16.85 -1.58 -14.23
N ARG A 276 -17.97 -0.87 -14.06
CA ARG A 276 -17.88 0.55 -13.73
C ARG A 276 -17.27 0.70 -12.35
N GLY A 277 -16.24 1.54 -12.25
CA GLY A 277 -15.54 1.71 -10.99
C GLY A 277 -14.47 0.67 -10.72
N ALA A 278 -13.99 -0.02 -11.76
CA ALA A 278 -12.91 -0.99 -11.61
C ALA A 278 -11.58 -0.27 -11.41
N TYR A 279 -10.59 -1.03 -10.93
CA TYR A 279 -9.24 -0.53 -10.72
C TYR A 279 -8.26 -1.33 -11.57
N ILE A 280 -7.29 -0.64 -12.16
CA ILE A 280 -6.23 -1.26 -12.95
C ILE A 280 -4.89 -0.86 -12.36
N VAL A 281 -4.02 -1.85 -12.12
CA VAL A 281 -2.63 -1.62 -11.73
C VAL A 281 -1.76 -2.26 -12.78
N ASN A 282 -0.91 -1.47 -13.44
CA ASN A 282 -0.14 -1.90 -14.60
C ASN A 282 1.35 -1.67 -14.36
N THR A 283 2.08 -2.76 -14.07
CA THR A 283 3.54 -2.72 -14.00
C THR A 283 4.22 -3.39 -15.18
N ALA A 284 3.46 -3.89 -16.16
CA ALA A 284 4.06 -4.66 -17.24
C ALA A 284 4.78 -3.77 -18.25
N ARG A 285 4.01 -3.06 -19.08
CA ARG A 285 4.58 -2.12 -20.03
C ARG A 285 3.58 -1.01 -20.29
N GLY A 286 4.09 0.20 -20.53
CA GLY A 286 3.24 1.37 -20.67
C GLY A 286 2.23 1.23 -21.80
N LYS A 287 2.67 0.72 -22.96
CA LYS A 287 1.81 0.68 -24.13
C LYS A 287 0.80 -0.44 -24.11
N LEU A 288 0.75 -1.26 -23.04
CA LEU A 288 -0.35 -2.21 -22.90
C LEU A 288 -1.70 -1.51 -22.82
N CYS A 289 -1.73 -0.31 -22.25
CA CYS A 289 -2.95 0.48 -22.15
C CYS A 289 -2.83 1.70 -23.05
N ASP A 290 -3.88 1.98 -23.81
CA ASP A 290 -3.91 3.20 -24.61
C ASP A 290 -3.98 4.40 -23.68
N ARG A 291 -3.04 5.34 -23.86
CA ARG A 291 -2.88 6.44 -22.93
C ARG A 291 -4.19 7.21 -22.72
N ASP A 292 -4.87 7.54 -23.82
CA ASP A 292 -6.06 8.40 -23.72
C ASP A 292 -7.31 7.62 -23.34
N ALA A 293 -7.38 6.33 -23.67
CA ALA A 293 -8.50 5.52 -23.22
C ALA A 293 -8.55 5.43 -21.71
N VAL A 294 -7.38 5.30 -21.07
CA VAL A 294 -7.31 5.27 -19.61
C VAL A 294 -7.71 6.62 -19.03
N ALA A 295 -7.13 7.70 -19.57
CA ALA A 295 -7.44 9.04 -19.09
C ALA A 295 -8.92 9.33 -19.22
N ARG A 296 -9.50 9.02 -20.39
CA ARG A 296 -10.95 9.16 -20.55
C ARG A 296 -11.70 8.34 -19.52
N ALA A 297 -11.26 7.10 -19.29
CA ALA A 297 -11.97 6.22 -18.36
C ALA A 297 -11.96 6.77 -16.93
N LEU A 298 -10.84 7.36 -16.51
CA LEU A 298 -10.78 7.93 -15.17
C LEU A 298 -11.58 9.22 -15.07
N GLU A 299 -11.59 10.02 -16.13
CA GLU A 299 -12.33 11.28 -16.07
C GLU A 299 -13.83 11.06 -16.12
N SER A 300 -14.28 9.94 -16.69
CA SER A 300 -15.70 9.66 -16.83
C SER A 300 -16.25 8.78 -15.72
N GLY A 301 -15.40 8.15 -14.92
CA GLY A 301 -15.85 7.29 -13.86
C GLY A 301 -16.02 5.83 -14.23
N ARG A 302 -15.71 5.45 -15.47
CA ARG A 302 -15.74 4.02 -15.82
C ARG A 302 -14.68 3.26 -15.06
N LEU A 303 -13.51 3.87 -14.87
CA LEU A 303 -12.48 3.38 -13.97
C LEU A 303 -12.50 4.21 -12.69
N ALA A 304 -12.34 3.56 -11.56
CA ALA A 304 -12.24 4.27 -10.29
C ALA A 304 -10.81 4.55 -9.88
N GLY A 305 -9.83 3.99 -10.57
CA GLY A 305 -8.43 4.24 -10.26
C GLY A 305 -7.50 3.56 -11.23
N TYR A 306 -6.34 4.15 -11.46
CA TYR A 306 -5.30 3.52 -12.27
C TYR A 306 -3.96 3.83 -11.65
N ALA A 307 -3.13 2.80 -11.48
CA ALA A 307 -1.79 2.99 -10.93
C ALA A 307 -0.83 2.11 -11.70
N GLY A 308 0.45 2.48 -11.61
CA GLY A 308 1.49 1.73 -12.28
C GLY A 308 2.78 2.52 -12.27
N ASP A 309 3.83 1.90 -12.82
CA ASP A 309 5.13 2.55 -12.91
C ASP A 309 5.71 2.46 -14.31
N VAL A 310 4.95 2.06 -15.30
CA VAL A 310 5.39 2.01 -16.69
C VAL A 310 4.53 2.97 -17.50
N TRP A 311 5.16 3.63 -18.47
CA TRP A 311 4.53 4.71 -19.21
C TRP A 311 4.86 4.54 -20.69
N PHE A 312 4.13 5.27 -21.53
CA PHE A 312 4.54 5.47 -22.91
C PHE A 312 4.28 6.93 -23.28
N PRO A 313 5.30 7.65 -23.80
CA PRO A 313 6.66 7.11 -23.89
C PRO A 313 7.37 7.13 -22.54
N GLN A 314 8.58 6.58 -22.50
CA GLN A 314 9.33 6.44 -21.25
C GLN A 314 10.75 6.93 -21.48
N PRO A 315 11.27 7.85 -20.64
CA PRO A 315 10.53 8.50 -19.54
C PRO A 315 9.41 9.39 -20.06
N ALA A 316 8.37 9.54 -19.24
CA ALA A 316 7.20 10.27 -19.67
C ALA A 316 7.50 11.77 -19.78
N PRO A 317 7.00 12.44 -20.82
CA PRO A 317 7.15 13.89 -20.90
C PRO A 317 6.47 14.55 -19.70
N LYS A 318 6.76 15.83 -19.51
CA LYS A 318 6.37 16.49 -18.27
C LYS A 318 4.87 16.73 -18.18
N ASP A 319 4.17 16.72 -19.32
CA ASP A 319 2.74 16.95 -19.37
C ASP A 319 1.96 15.67 -19.68
N HIS A 320 2.56 14.51 -19.49
CA HIS A 320 1.86 13.25 -19.69
C HIS A 320 0.58 13.24 -18.86
N PRO A 321 -0.58 12.97 -19.47
CA PRO A 321 -1.85 13.06 -18.72
C PRO A 321 -1.91 12.14 -17.52
N TRP A 322 -1.21 11.00 -17.56
CA TRP A 322 -1.27 10.07 -16.43
C TRP A 322 -0.67 10.65 -15.16
N ARG A 323 0.05 11.78 -15.26
CA ARG A 323 0.65 12.39 -14.08
C ARG A 323 -0.39 13.08 -13.21
N THR A 324 -1.45 13.62 -13.82
CA THR A 324 -2.40 14.46 -13.09
C THR A 324 -3.85 14.07 -13.27
N MET A 325 -4.16 13.00 -14.00
CA MET A 325 -5.54 12.59 -14.18
C MET A 325 -6.14 12.17 -12.84
N PRO A 326 -7.47 12.21 -12.71
CA PRO A 326 -8.10 11.91 -11.42
C PRO A 326 -7.86 10.46 -11.01
N TYR A 327 -7.58 10.27 -9.72
CA TYR A 327 -7.52 8.94 -9.11
C TYR A 327 -6.43 8.08 -9.74
N ASN A 328 -5.27 8.69 -9.97
CA ASN A 328 -4.10 7.94 -10.42
C ASN A 328 -3.16 7.73 -9.24
N GLY A 329 -2.43 6.61 -9.29
CA GLY A 329 -1.43 6.31 -8.28
C GLY A 329 -0.07 6.07 -8.89
N MET A 330 0.28 6.88 -9.89
CA MET A 330 1.48 6.61 -10.68
C MET A 330 2.75 6.89 -9.86
N THR A 331 3.80 6.16 -10.19
CA THR A 331 5.18 6.45 -9.81
C THR A 331 6.03 6.37 -11.06
N PRO A 332 7.26 6.90 -11.03
CA PRO A 332 8.20 6.62 -12.12
C PRO A 332 8.58 5.15 -12.15
N HIS A 333 9.31 4.78 -13.20
CA HIS A 333 9.67 3.37 -13.40
C HIS A 333 10.74 2.96 -12.40
N ILE A 334 10.32 2.51 -11.21
CA ILE A 334 11.25 2.33 -10.09
C ILE A 334 10.97 1.06 -9.29
N SER A 335 9.89 0.33 -9.64
CA SER A 335 9.37 -0.69 -8.74
C SER A 335 10.37 -1.80 -8.47
N GLY A 336 11.16 -2.17 -9.47
CA GLY A 336 12.12 -3.24 -9.29
C GLY A 336 13.54 -2.79 -9.06
N THR A 337 13.73 -1.57 -8.57
CA THR A 337 15.06 -1.05 -8.30
C THR A 337 15.09 -0.37 -6.93
N THR A 338 14.35 -0.91 -5.98
CA THR A 338 14.58 -0.54 -4.59
C THR A 338 16.02 -0.86 -4.21
N LEU A 339 16.49 -0.24 -3.12
CA LEU A 339 17.84 -0.50 -2.66
C LEU A 339 18.05 -1.98 -2.38
N THR A 340 16.99 -2.68 -1.94
CA THR A 340 17.08 -4.12 -1.71
C THR A 340 17.30 -4.88 -3.00
N ALA A 341 16.49 -4.59 -4.03
CA ALA A 341 16.64 -5.28 -5.30
C ALA A 341 17.97 -4.96 -5.96
N GLN A 342 18.48 -3.73 -5.77
CA GLN A 342 19.77 -3.36 -6.30
C GLN A 342 20.88 -4.25 -5.76
N ALA A 343 20.86 -4.52 -4.45
CA ALA A 343 21.87 -5.40 -3.86
C ALA A 343 21.87 -6.77 -4.51
N ARG A 344 20.69 -7.25 -4.93
CA ARG A 344 20.61 -8.60 -5.51
C ARG A 344 21.11 -8.62 -6.95
N TYR A 345 20.68 -7.67 -7.79
CA TYR A 345 21.15 -7.73 -9.16
C TYR A 345 22.53 -7.13 -9.35
N ALA A 346 23.05 -6.40 -8.36
CA ALA A 346 24.47 -6.06 -8.38
C ALA A 346 25.33 -7.27 -8.03
N ALA A 347 24.90 -8.05 -7.03
CA ALA A 347 25.58 -9.29 -6.70
C ALA A 347 25.49 -10.29 -7.85
N GLY A 348 24.32 -10.39 -8.47
CA GLY A 348 24.16 -11.28 -9.61
C GLY A 348 25.00 -10.86 -10.80
N THR A 349 25.14 -9.54 -11.02
CA THR A 349 25.95 -9.07 -12.12
C THR A 349 27.41 -9.50 -11.96
N ARG A 350 27.95 -9.39 -10.74
CA ARG A 350 29.34 -9.81 -10.53
C ARG A 350 29.49 -11.32 -10.65
N GLU A 351 28.53 -12.08 -10.10
CA GLU A 351 28.57 -13.54 -10.24
C GLU A 351 28.63 -13.94 -11.71
N ILE A 352 27.87 -13.27 -12.56
CA ILE A 352 27.90 -13.56 -13.99
C ILE A 352 29.23 -13.15 -14.60
N LEU A 353 29.73 -11.96 -14.22
CA LEU A 353 31.01 -11.50 -14.74
C LEU A 353 32.15 -12.39 -14.27
N GLU A 354 32.10 -12.84 -13.01
CA GLU A 354 33.11 -13.77 -12.51
C GLU A 354 33.11 -15.08 -13.32
N CYS A 355 31.92 -15.63 -13.56
CA CYS A 355 31.83 -16.85 -14.36
C CYS A 355 32.34 -16.62 -15.78
N PHE A 356 31.99 -15.49 -16.38
CA PHE A 356 32.34 -15.23 -17.76
C PHE A 356 33.86 -15.10 -17.93
N PHE A 357 34.49 -14.26 -17.10
CA PHE A 357 35.92 -14.02 -17.26
C PHE A 357 36.76 -15.22 -16.85
N GLU A 358 36.29 -16.01 -15.88
CA GLU A 358 37.02 -17.18 -15.42
C GLU A 358 36.71 -18.43 -16.25
N GLY A 359 35.84 -18.33 -17.26
CA GLY A 359 35.56 -19.47 -18.11
C GLY A 359 34.69 -20.53 -17.48
N ARG A 360 33.99 -20.21 -16.41
CA ARG A 360 33.08 -21.15 -15.76
C ARG A 360 31.67 -20.98 -16.31
N PRO A 361 30.84 -22.02 -16.20
CA PRO A 361 29.47 -21.91 -16.74
C PRO A 361 28.65 -20.89 -15.98
N ILE A 362 27.97 -20.02 -16.73
CA ILE A 362 26.97 -19.14 -16.14
C ILE A 362 25.76 -19.97 -15.72
N ARG A 363 25.13 -19.57 -14.61
CA ARG A 363 23.92 -20.24 -14.12
C ARG A 363 22.93 -20.48 -15.26
N ASP A 364 22.37 -21.68 -15.27
CA ASP A 364 21.40 -22.04 -16.31
C ASP A 364 20.22 -21.07 -16.33
N GLU A 365 19.69 -20.74 -15.14
CA GLU A 365 18.52 -19.87 -15.07
C GLU A 365 18.83 -18.43 -15.39
N TYR A 366 20.11 -18.05 -15.51
CA TYR A 366 20.49 -16.71 -15.92
C TYR A 366 20.53 -16.53 -17.43
N LEU A 367 20.62 -17.62 -18.19
CA LEU A 367 20.95 -17.55 -19.61
C LEU A 367 19.70 -17.38 -20.46
N ILE A 368 19.76 -16.45 -21.40
CA ILE A 368 18.76 -16.31 -22.44
C ILE A 368 19.27 -16.79 -23.79
N VAL A 369 20.51 -16.42 -24.12
CA VAL A 369 21.17 -16.87 -25.34
C VAL A 369 22.58 -17.29 -24.98
N GLN A 370 23.00 -18.47 -25.42
CA GLN A 370 24.33 -18.98 -25.19
C GLN A 370 24.89 -19.58 -26.48
N GLY A 371 26.15 -19.29 -26.76
CA GLY A 371 26.89 -19.92 -27.84
C GLY A 371 26.20 -20.04 -29.18
N GLY A 372 25.29 -19.12 -29.48
CA GLY A 372 24.61 -19.10 -30.76
C GLY A 372 23.20 -19.67 -30.77
N ALA A 373 22.53 -19.75 -29.63
CA ALA A 373 21.16 -20.25 -29.56
C ALA A 373 20.57 -19.85 -28.22
N LEU A 374 19.25 -20.03 -28.10
CA LEU A 374 18.56 -19.74 -26.85
C LEU A 374 19.01 -20.68 -25.75
N ALA A 375 18.78 -20.27 -24.51
CA ALA A 375 19.15 -21.07 -23.34
C ALA A 375 18.11 -20.92 -22.23
N ALA B 2 -39.52 9.81 20.99
CA ALA B 2 -38.20 10.08 21.53
C ALA B 2 -37.41 11.00 20.59
N LYS B 3 -36.53 11.80 21.18
CA LYS B 3 -35.69 12.73 20.43
C LYS B 3 -34.30 12.12 20.29
N VAL B 4 -33.86 11.94 19.04
CA VAL B 4 -32.55 11.37 18.74
C VAL B 4 -31.65 12.49 18.25
N LEU B 5 -30.50 12.66 18.93
CA LEU B 5 -29.53 13.70 18.60
C LEU B 5 -28.31 13.02 18.00
N CYS B 6 -28.07 13.24 16.70
CA CYS B 6 -27.03 12.53 15.97
C CYS B 6 -26.03 13.52 15.40
N VAL B 7 -24.77 13.37 15.79
CA VAL B 7 -23.69 14.25 15.34
C VAL B 7 -22.90 13.53 14.25
N LEU B 8 -22.77 14.18 13.09
CA LEU B 8 -22.05 13.64 11.94
C LEU B 8 -21.14 14.72 11.38
N TYR B 9 -20.15 14.32 10.59
CA TYR B 9 -19.23 15.31 10.05
C TYR B 9 -19.82 16.00 8.81
N ASP B 10 -19.14 17.05 8.37
CA ASP B 10 -19.64 17.89 7.29
C ASP B 10 -19.68 17.13 5.97
N ASP B 11 -20.50 17.64 5.06
CA ASP B 11 -20.55 17.17 3.69
C ASP B 11 -19.28 17.59 2.97
N PRO B 12 -18.99 17.01 1.80
CA PRO B 12 -17.83 17.45 1.03
C PRO B 12 -17.93 18.93 0.64
N VAL B 13 -16.76 19.51 0.33
CA VAL B 13 -16.66 20.93 0.00
C VAL B 13 -17.56 21.27 -1.19
N ASP B 14 -17.56 20.37 -2.16
CA ASP B 14 -18.37 20.40 -3.39
C ASP B 14 -19.82 19.98 -3.15
N GLY B 15 -20.21 19.65 -1.93
CA GLY B 15 -21.58 19.25 -1.66
C GLY B 15 -21.74 17.75 -1.59
N TYR B 16 -22.91 17.35 -1.14
CA TYR B 16 -23.22 15.93 -1.02
C TYR B 16 -23.23 15.27 -2.40
N PRO B 17 -22.63 14.08 -2.53
CA PRO B 17 -22.48 13.48 -3.86
C PRO B 17 -23.80 12.94 -4.39
N LYS B 18 -24.03 13.14 -5.69
CA LYS B 18 -25.19 12.57 -6.37
C LYS B 18 -24.91 11.19 -6.94
N THR B 19 -23.68 10.93 -7.39
CA THR B 19 -23.28 9.63 -7.92
C THR B 19 -21.97 9.21 -7.28
N TYR B 20 -21.72 7.90 -7.28
CA TYR B 20 -20.57 7.30 -6.61
C TYR B 20 -19.73 6.52 -7.61
N ALA B 21 -18.57 6.05 -7.14
CA ALA B 21 -17.61 5.39 -8.03
C ALA B 21 -18.10 4.00 -8.45
N ARG B 22 -18.86 3.32 -7.60
CA ARG B 22 -19.37 2.00 -7.94
C ARG B 22 -20.83 1.91 -7.55
N ASP B 23 -21.47 0.81 -7.97
CA ASP B 23 -22.90 0.64 -7.81
C ASP B 23 -23.28 -0.13 -6.55
N ASP B 24 -22.40 -0.99 -6.05
CA ASP B 24 -22.68 -1.76 -4.85
C ASP B 24 -21.38 -2.09 -4.15
N LEU B 25 -21.50 -2.72 -2.98
CA LEU B 25 -20.38 -3.15 -2.16
C LEU B 25 -20.24 -4.67 -2.20
N PRO B 26 -19.02 -5.18 -2.06
CA PRO B 26 -18.83 -6.65 -2.05
C PRO B 26 -19.63 -7.29 -0.94
N LYS B 27 -20.16 -8.49 -1.21
CA LYS B 27 -20.98 -9.21 -0.24
C LYS B 27 -20.09 -9.84 0.81
N ILE B 28 -20.36 -9.53 2.08
CA ILE B 28 -19.71 -10.15 3.23
C ILE B 28 -20.80 -10.64 4.18
N ASP B 29 -20.61 -11.83 4.76
CA ASP B 29 -21.61 -12.42 5.62
C ASP B 29 -21.23 -12.41 7.09
N HIS B 30 -19.95 -12.66 7.43
CA HIS B 30 -19.55 -12.62 8.82
C HIS B 30 -18.12 -12.11 8.92
N TYR B 31 -17.78 -11.67 10.13
CA TYR B 31 -16.43 -11.24 10.47
C TYR B 31 -15.56 -12.44 10.82
N PRO B 32 -14.23 -12.28 10.82
CA PRO B 32 -13.35 -13.33 11.36
C PRO B 32 -13.75 -13.67 12.79
N GLY B 33 -14.11 -14.93 13.03
CA GLY B 33 -14.59 -15.41 14.31
C GLY B 33 -16.03 -15.88 14.30
N GLY B 34 -16.82 -15.49 13.30
CA GLY B 34 -18.17 -15.98 13.13
C GLY B 34 -19.26 -14.95 13.37
N GLN B 35 -18.95 -13.83 14.03
CA GLN B 35 -19.95 -12.80 14.27
C GLN B 35 -20.48 -12.27 12.95
N THR B 36 -21.79 -12.29 12.79
CA THR B 36 -22.39 -11.86 11.54
C THR B 36 -22.45 -10.33 11.49
N LEU B 37 -22.55 -9.81 10.27
CA LEU B 37 -22.67 -8.38 10.03
C LEU B 37 -23.98 -7.90 10.63
N PRO B 38 -24.18 -6.59 10.79
CA PRO B 38 -25.41 -6.09 11.43
C PRO B 38 -26.65 -6.62 10.74
N THR B 39 -27.69 -6.89 11.53
CA THR B 39 -28.94 -7.49 11.06
C THR B 39 -30.13 -6.66 11.52
N PRO B 40 -30.28 -5.43 11.04
CA PRO B 40 -31.52 -4.68 11.30
C PRO B 40 -32.67 -5.30 10.52
N LYS B 41 -33.89 -4.88 10.85
CA LYS B 41 -35.04 -5.45 10.16
C LYS B 41 -35.27 -4.81 8.79
N ALA B 42 -34.63 -3.67 8.53
CA ALA B 42 -34.60 -3.05 7.22
C ALA B 42 -33.58 -1.93 7.28
N ILE B 43 -33.10 -1.50 6.11
CA ILE B 43 -32.26 -0.33 5.98
C ILE B 43 -32.92 0.55 4.93
N ASP B 44 -32.80 1.86 5.08
CA ASP B 44 -33.50 2.69 4.11
C ASP B 44 -32.49 3.42 3.20
N PHE B 45 -31.25 2.92 3.15
CA PHE B 45 -30.19 3.43 2.29
C PHE B 45 -29.65 2.34 1.37
N THR B 46 -28.87 2.77 0.37
CA THR B 46 -28.17 1.85 -0.51
C THR B 46 -26.71 1.71 -0.07
N PRO B 47 -26.24 0.51 0.26
CA PRO B 47 -24.82 0.33 0.64
C PRO B 47 -23.86 0.97 -0.35
N GLY B 48 -23.02 1.87 0.13
CA GLY B 48 -22.13 2.62 -0.72
C GLY B 48 -22.39 4.12 -0.74
N GLN B 49 -23.50 4.58 -0.20
CA GLN B 49 -23.77 6.01 -0.12
C GLN B 49 -23.02 6.60 1.06
N LEU B 50 -22.71 7.89 0.96
CA LEU B 50 -22.08 8.60 2.06
C LEU B 50 -23.09 8.76 3.20
N LEU B 51 -22.92 7.99 4.26
CA LEU B 51 -23.86 7.98 5.37
C LEU B 51 -23.35 8.68 6.62
N GLY B 52 -22.04 8.88 6.73
CA GLY B 52 -21.47 9.46 7.92
C GLY B 52 -21.43 10.98 7.96
N SER B 53 -21.94 11.65 6.92
CA SER B 53 -22.01 13.10 6.90
C SER B 53 -23.43 13.56 7.21
N VAL B 54 -23.57 14.87 7.45
CA VAL B 54 -24.82 15.40 7.96
C VAL B 54 -25.96 15.14 6.99
N SER B 55 -25.70 15.22 5.69
CA SER B 55 -26.75 14.95 4.70
C SER B 55 -27.01 13.47 4.52
N GLY B 56 -26.12 12.60 4.99
CA GLY B 56 -26.33 11.17 4.91
C GLY B 56 -27.24 10.66 6.00
N GLU B 57 -27.11 11.21 7.21
CA GLU B 57 -27.99 10.97 8.35
C GLU B 57 -28.05 9.49 8.74
N LEU B 58 -27.03 8.71 8.41
CA LEU B 58 -27.00 7.27 8.70
C LEU B 58 -28.23 6.54 8.16
N GLY B 59 -28.93 7.15 7.21
CA GLY B 59 -30.14 6.55 6.65
C GLY B 59 -31.26 6.36 7.65
N LEU B 60 -31.40 7.29 8.60
CA LEU B 60 -32.28 7.10 9.75
C LEU B 60 -33.54 7.95 9.76
N ARG B 61 -33.59 9.05 9.01
CA ARG B 61 -34.64 10.04 9.24
C ARG B 61 -36.02 9.46 8.96
N LYS B 62 -36.19 8.80 7.81
CA LYS B 62 -37.49 8.20 7.50
C LYS B 62 -37.88 7.16 8.54
N TYR B 63 -36.91 6.37 9.01
CA TYR B 63 -37.21 5.34 10.00
C TYR B 63 -37.71 5.94 11.31
N LEU B 64 -37.06 7.01 11.76
CA LEU B 64 -37.42 7.57 13.07
C LEU B 64 -38.65 8.48 12.97
N GLU B 65 -38.77 9.24 11.88
CA GLU B 65 -39.90 10.15 11.75
C GLU B 65 -41.20 9.39 11.48
N SER B 66 -41.13 8.28 10.74
CA SER B 66 -42.32 7.48 10.50
C SER B 66 -42.80 6.76 11.75
N ASN B 67 -41.98 6.72 12.80
CA ASN B 67 -42.36 6.09 14.06
C ASN B 67 -42.64 7.10 15.17
N GLY B 68 -42.79 8.37 14.84
CA GLY B 68 -43.14 9.37 15.82
C GLY B 68 -41.99 10.02 16.55
N HIS B 69 -40.75 9.76 16.14
CA HIS B 69 -39.57 10.24 16.83
C HIS B 69 -39.05 11.53 16.21
N THR B 70 -38.18 12.19 16.96
CA THR B 70 -37.48 13.37 16.48
C THR B 70 -36.03 13.00 16.15
N LEU B 71 -35.50 13.59 15.09
CA LEU B 71 -34.11 13.39 14.70
C LEU B 71 -33.47 14.74 14.43
N VAL B 72 -32.43 15.08 15.18
CA VAL B 72 -31.68 16.30 14.99
C VAL B 72 -30.26 15.92 14.59
N VAL B 73 -29.88 16.25 13.35
CA VAL B 73 -28.55 15.98 12.82
C VAL B 73 -27.79 17.29 12.76
N THR B 74 -26.55 17.27 13.25
CA THR B 74 -25.72 18.46 13.26
C THR B 74 -24.25 18.04 13.27
N SER B 75 -23.39 18.95 12.82
CA SER B 75 -21.95 18.78 12.90
C SER B 75 -21.31 19.70 13.92
N ASP B 76 -22.10 20.50 14.63
CA ASP B 76 -21.59 21.49 15.57
C ASP B 76 -21.63 20.87 16.97
N LYS B 77 -20.46 20.46 17.46
CA LYS B 77 -20.38 19.59 18.62
C LYS B 77 -19.49 20.11 19.74
N ASP B 78 -18.79 21.22 19.55
CA ASP B 78 -17.77 21.68 20.48
C ASP B 78 -18.25 22.89 21.26
N GLY B 79 -17.92 22.93 22.55
CA GLY B 79 -18.22 24.06 23.38
C GLY B 79 -19.64 24.06 23.91
N PRO B 80 -19.89 24.84 24.96
CA PRO B 80 -21.23 24.84 25.57
C PRO B 80 -22.29 25.49 24.70
N ASP B 81 -21.89 26.28 23.70
CA ASP B 81 -22.84 26.98 22.84
C ASP B 81 -23.08 26.24 21.53
N SER B 82 -22.69 24.97 21.45
CA SER B 82 -22.87 24.18 20.24
C SER B 82 -24.31 23.71 20.13
N VAL B 83 -24.71 23.39 18.89
CA VAL B 83 -26.03 22.80 18.67
C VAL B 83 -26.18 21.52 19.47
N PHE B 84 -25.12 20.70 19.52
CA PHE B 84 -25.20 19.46 20.27
C PHE B 84 -25.53 19.74 21.74
N GLU B 85 -24.78 20.64 22.38
CA GLU B 85 -24.97 20.84 23.82
C GLU B 85 -26.32 21.48 24.15
N ARG B 86 -26.83 22.32 23.25
CA ARG B 86 -28.13 23.01 23.40
C ARG B 86 -29.25 21.99 23.17
N GLU B 87 -29.13 21.18 22.13
CA GLU B 87 -30.15 20.15 21.87
C GLU B 87 -30.10 18.98 22.86
N LEU B 88 -29.04 18.87 23.68
CA LEU B 88 -28.81 17.68 24.50
C LEU B 88 -29.70 17.60 25.73
N VAL B 89 -30.29 18.72 26.16
CA VAL B 89 -30.99 18.74 27.44
C VAL B 89 -32.22 17.83 27.40
N ASP B 90 -32.90 17.74 26.26
CA ASP B 90 -34.09 16.90 26.13
C ASP B 90 -33.85 15.68 25.25
N ALA B 91 -32.61 15.41 24.86
CA ALA B 91 -32.32 14.30 23.97
C ALA B 91 -32.47 12.97 24.70
N ASP B 92 -33.22 12.05 24.09
CA ASP B 92 -33.31 10.69 24.62
C ASP B 92 -32.15 9.82 24.17
N VAL B 93 -31.73 9.99 22.91
CA VAL B 93 -30.67 9.17 22.31
C VAL B 93 -29.60 10.09 21.73
N VAL B 94 -28.33 9.74 21.97
CA VAL B 94 -27.19 10.46 21.43
C VAL B 94 -26.39 9.51 20.54
N ILE B 95 -26.15 9.93 19.29
CA ILE B 95 -25.40 9.14 18.32
C ILE B 95 -24.26 9.99 17.76
N SER B 96 -23.06 9.44 17.74
CA SER B 96 -21.94 10.06 17.04
C SER B 96 -20.91 8.99 16.69
N GLN B 97 -19.98 9.35 15.72
CA GLN B 97 -18.89 8.51 15.25
C GLN B 97 -17.57 8.92 15.90
N PRO B 98 -16.67 7.96 16.14
CA PRO B 98 -15.34 8.31 16.65
C PRO B 98 -14.57 9.28 15.78
N PHE B 99 -14.88 9.37 14.49
CA PHE B 99 -14.20 10.28 13.57
C PHE B 99 -14.70 11.71 13.67
N TRP B 100 -15.83 11.92 14.35
CA TRP B 100 -16.35 13.26 14.64
C TRP B 100 -17.16 13.16 15.93
N PRO B 101 -16.47 12.98 17.06
CA PRO B 101 -17.15 12.49 18.27
C PRO B 101 -17.81 13.61 19.07
N ALA B 102 -19.03 13.32 19.52
CA ALA B 102 -19.72 14.19 20.46
C ALA B 102 -19.36 13.71 21.86
N TYR B 103 -18.54 14.48 22.56
CA TYR B 103 -18.05 14.04 23.85
C TYR B 103 -19.15 14.11 24.90
N LEU B 104 -19.36 13.01 25.61
CA LEU B 104 -20.27 12.97 26.74
C LEU B 104 -19.44 13.11 28.01
N THR B 105 -19.12 14.36 28.34
CA THR B 105 -18.46 14.65 29.60
C THR B 105 -19.44 14.45 30.76
N PRO B 106 -18.93 14.27 31.99
CA PRO B 106 -19.84 14.20 33.14
C PRO B 106 -20.75 15.41 33.26
N GLU B 107 -20.23 16.61 32.99
CA GLU B 107 -21.07 17.81 32.98
C GLU B 107 -22.21 17.66 31.97
N ARG B 108 -21.89 17.24 30.75
CA ARG B 108 -22.92 17.13 29.72
C ARG B 108 -23.93 16.03 30.07
N ILE B 109 -23.46 14.93 30.63
CA ILE B 109 -24.37 13.87 31.05
C ILE B 109 -25.30 14.36 32.15
N ALA B 110 -24.77 15.19 33.06
CA ALA B 110 -25.62 15.79 34.09
C ALA B 110 -26.68 16.68 33.49
N LYS B 111 -26.38 17.36 32.38
CA LYS B 111 -27.35 18.24 31.73
C LYS B 111 -28.41 17.48 30.95
N ALA B 112 -28.17 16.21 30.63
CA ALA B 112 -29.06 15.43 29.77
C ALA B 112 -30.05 14.66 30.64
N LYS B 113 -31.17 15.30 30.99
CA LYS B 113 -32.11 14.69 31.92
C LYS B 113 -32.94 13.59 31.27
N ASN B 114 -32.94 13.48 29.94
CA ASN B 114 -33.68 12.44 29.26
C ASN B 114 -32.81 11.33 28.70
N LEU B 115 -31.49 11.45 28.82
CA LEU B 115 -30.59 10.54 28.12
C LEU B 115 -30.79 9.11 28.62
N LYS B 116 -30.91 8.18 27.67
CA LYS B 116 -31.07 6.76 27.99
C LYS B 116 -30.14 5.86 27.20
N LEU B 117 -29.64 6.30 26.05
CA LEU B 117 -28.80 5.49 25.18
C LEU B 117 -27.73 6.38 24.56
N ALA B 118 -26.48 5.96 24.68
CA ALA B 118 -25.34 6.62 24.03
C ALA B 118 -24.80 5.63 23.00
N LEU B 119 -24.94 5.99 21.73
CA LEU B 119 -24.68 5.08 20.62
C LEU B 119 -23.44 5.55 19.86
N THR B 120 -22.48 4.64 19.67
CA THR B 120 -21.30 4.90 18.86
C THR B 120 -21.52 4.33 17.48
N ALA B 121 -21.65 5.20 16.49
CA ALA B 121 -21.71 4.77 15.09
C ALA B 121 -20.29 4.41 14.67
N GLY B 122 -19.87 3.22 15.06
CA GLY B 122 -18.50 2.78 14.91
C GLY B 122 -18.04 1.98 16.11
N ILE B 123 -16.77 2.09 16.47
CA ILE B 123 -16.16 1.31 17.55
C ILE B 123 -15.46 2.25 18.50
N GLY B 124 -15.68 2.07 19.79
CA GLY B 124 -14.99 2.88 20.78
C GLY B 124 -15.94 3.82 21.50
N SER B 125 -15.74 3.98 22.80
CA SER B 125 -16.54 4.90 23.60
C SER B 125 -15.66 5.80 24.45
N ASP B 126 -14.44 6.10 23.97
CA ASP B 126 -13.54 6.95 24.72
C ASP B 126 -14.05 8.38 24.83
N HIS B 127 -14.96 8.78 23.97
CA HIS B 127 -15.59 10.09 24.05
C HIS B 127 -16.74 10.14 25.04
N VAL B 128 -17.04 9.02 25.71
CA VAL B 128 -18.15 8.93 26.66
C VAL B 128 -17.58 8.56 28.02
N ASP B 129 -17.86 9.38 29.03
CA ASP B 129 -17.41 9.08 30.39
C ASP B 129 -18.25 7.92 30.93
N LEU B 130 -17.64 6.73 31.01
CA LEU B 130 -18.41 5.53 31.32
C LEU B 130 -18.93 5.53 32.75
N GLN B 131 -18.21 6.16 33.69
CA GLN B 131 -18.70 6.22 35.07
C GLN B 131 -20.01 6.97 35.15
N SER B 132 -20.10 8.12 34.49
CA SER B 132 -21.35 8.88 34.51
C SER B 132 -22.47 8.12 33.81
N ALA B 133 -22.15 7.36 32.77
CA ALA B 133 -23.15 6.52 32.13
C ALA B 133 -23.60 5.41 33.07
N ILE B 134 -22.66 4.76 33.75
CA ILE B 134 -23.00 3.69 34.69
C ILE B 134 -23.87 4.22 35.83
N ASP B 135 -23.48 5.36 36.40
CA ASP B 135 -24.20 5.89 37.56
C ASP B 135 -25.60 6.36 37.23
N ARG B 136 -25.93 6.57 35.95
CA ARG B 136 -27.21 7.12 35.56
C ARG B 136 -28.07 6.17 34.73
N ASN B 137 -27.68 4.89 34.65
CA ASN B 137 -28.42 3.89 33.87
C ASN B 137 -28.60 4.33 32.42
N VAL B 138 -27.53 4.86 31.83
CA VAL B 138 -27.49 5.16 30.40
C VAL B 138 -26.82 3.99 29.71
N THR B 139 -27.47 3.45 28.69
CA THR B 139 -26.88 2.37 27.91
C THR B 139 -25.85 2.92 26.93
N VAL B 140 -24.70 2.25 26.86
CA VAL B 140 -23.62 2.59 25.93
C VAL B 140 -23.41 1.40 25.02
N ALA B 141 -23.62 1.60 23.72
CA ALA B 141 -23.50 0.53 22.74
C ALA B 141 -22.66 1.01 21.57
N GLU B 142 -22.03 0.06 20.88
CA GLU B 142 -21.27 0.34 19.68
C GLU B 142 -21.45 -0.81 18.70
N VAL B 143 -21.15 -0.53 17.44
CA VAL B 143 -21.29 -1.55 16.38
C VAL B 143 -19.94 -2.28 16.33
N THR B 144 -19.81 -3.26 17.22
CA THR B 144 -18.57 -4.03 17.34
C THR B 144 -18.20 -4.68 16.00
N TYR B 145 -16.91 -4.58 15.66
CA TYR B 145 -16.27 -5.24 14.51
C TYR B 145 -16.59 -4.54 13.20
N CYS B 146 -17.30 -3.40 13.22
CA CYS B 146 -17.80 -2.81 11.98
C CYS B 146 -16.68 -2.33 11.07
N ASN B 147 -15.56 -1.86 11.64
CA ASN B 147 -14.49 -1.29 10.83
C ASN B 147 -13.11 -1.81 11.24
N SER B 148 -13.06 -2.91 11.99
CA SER B 148 -11.76 -3.49 12.39
C SER B 148 -10.93 -3.88 11.18
N ILE B 149 -11.56 -4.53 10.19
CA ILE B 149 -10.84 -4.93 8.99
C ILE B 149 -10.43 -3.71 8.17
N SER B 150 -11.27 -2.68 8.16
CA SER B 150 -10.93 -1.45 7.44
C SER B 150 -9.65 -0.84 8.00
N VAL B 151 -9.55 -0.73 9.33
CA VAL B 151 -8.34 -0.16 9.92
C VAL B 151 -7.13 -1.01 9.60
N ALA B 152 -7.28 -2.35 9.66
CA ALA B 152 -6.14 -3.22 9.40
C ALA B 152 -5.62 -3.06 7.98
N GLU B 153 -6.52 -2.92 7.00
CA GLU B 153 -6.11 -2.63 5.63
C GLU B 153 -5.32 -1.33 5.57
N HIS B 154 -5.78 -0.30 6.29
CA HIS B 154 -5.09 0.98 6.31
C HIS B 154 -3.67 0.84 6.83
N VAL B 155 -3.48 -0.02 7.82
CA VAL B 155 -2.17 -0.16 8.46
C VAL B 155 -1.19 -0.82 7.50
N VAL B 156 -1.59 -1.95 6.92
CA VAL B 156 -0.71 -2.63 5.96
C VAL B 156 -0.42 -1.74 4.77
N MET B 157 -1.42 -1.01 4.29
CA MET B 157 -1.22 -0.07 3.20
C MET B 157 -0.19 1.01 3.58
N MET B 158 -0.27 1.53 4.81
CA MET B 158 0.66 2.57 5.24
C MET B 158 2.06 2.01 5.46
N ILE B 159 2.17 0.76 5.91
CA ILE B 159 3.48 0.15 6.09
C ILE B 159 4.20 0.04 4.75
N LEU B 160 3.52 -0.52 3.74
CA LEU B 160 4.13 -0.67 2.43
C LEU B 160 4.54 0.69 1.86
N SER B 161 3.69 1.70 1.99
CA SER B 161 4.00 3.01 1.43
C SER B 161 5.25 3.60 2.09
N LEU B 162 5.42 3.39 3.40
CA LEU B 162 6.58 3.93 4.09
C LEU B 162 7.86 3.23 3.65
N VAL B 163 7.85 1.89 3.66
CA VAL B 163 9.06 1.14 3.36
C VAL B 163 9.50 1.37 1.93
N ARG B 164 8.56 1.44 1.00
CA ARG B 164 8.87 1.56 -0.42
C ARG B 164 8.93 3.01 -0.90
N ASN B 165 8.72 3.99 -0.01
CA ASN B 165 8.84 5.40 -0.36
C ASN B 165 7.84 5.79 -1.45
N TYR B 166 6.59 5.33 -1.27
CA TYR B 166 5.56 5.51 -2.30
C TYR B 166 5.18 6.98 -2.48
N LEU B 167 5.01 7.71 -1.38
CA LEU B 167 4.42 9.05 -1.48
C LEU B 167 5.36 10.06 -2.10
N PRO B 168 6.64 10.14 -1.72
CA PRO B 168 7.55 11.01 -2.48
C PRO B 168 7.71 10.58 -3.93
N SER B 169 7.69 9.26 -4.19
CA SER B 169 7.78 8.78 -5.57
C SER B 169 6.60 9.26 -6.39
N HIS B 170 5.38 9.11 -5.85
CA HIS B 170 4.20 9.58 -6.54
C HIS B 170 4.23 11.09 -6.75
N GLU B 171 4.80 11.82 -5.79
CA GLU B 171 4.91 13.27 -5.93
C GLU B 171 5.84 13.64 -7.09
N TRP B 172 6.94 12.92 -7.28
CA TRP B 172 7.81 13.17 -8.43
C TRP B 172 7.04 13.01 -9.74
N ALA B 173 6.22 11.95 -9.84
CA ALA B 173 5.42 11.75 -11.05
C ALA B 173 4.41 12.87 -11.24
N ARG B 174 3.73 13.28 -10.17
CA ARG B 174 2.70 14.30 -10.28
C ARG B 174 3.28 15.64 -10.70
N LYS B 175 4.50 15.94 -10.27
CA LYS B 175 5.14 17.22 -10.53
C LYS B 175 5.86 17.27 -11.86
N GLY B 176 5.83 16.20 -12.64
CA GLY B 176 6.49 16.16 -13.92
C GLY B 176 7.94 15.69 -13.89
N GLY B 177 8.41 15.15 -12.78
CA GLY B 177 9.76 14.67 -12.72
C GLY B 177 9.86 13.19 -13.07
N TRP B 178 11.08 12.67 -12.93
CA TRP B 178 11.33 11.26 -13.16
C TRP B 178 12.17 10.74 -11.99
N ASN B 179 13.44 11.13 -11.97
CA ASN B 179 14.28 11.07 -10.78
C ASN B 179 14.21 9.71 -10.09
N ILE B 180 14.68 8.69 -10.80
CA ILE B 180 14.63 7.33 -10.26
C ILE B 180 15.44 7.24 -8.97
N ALA B 181 16.65 7.80 -8.97
CA ALA B 181 17.50 7.69 -7.78
C ALA B 181 16.93 8.46 -6.59
N ASP B 182 16.26 9.58 -6.83
CA ASP B 182 15.64 10.30 -5.71
C ASP B 182 14.48 9.51 -5.13
N CYS B 183 13.77 8.74 -5.95
CA CYS B 183 12.70 7.88 -5.46
C CYS B 183 13.26 6.74 -4.61
N VAL B 184 14.27 6.03 -5.13
CA VAL B 184 14.63 4.72 -4.60
C VAL B 184 15.78 4.77 -3.61
N SER B 185 16.38 5.93 -3.38
CA SER B 185 17.46 6.01 -2.40
C SER B 185 16.93 5.98 -0.98
N HIS B 186 15.62 5.91 -0.81
CA HIS B 186 14.98 5.74 0.49
C HIS B 186 13.94 4.61 0.43
N ALA B 187 14.06 3.72 -0.55
CA ALA B 187 13.07 2.68 -0.80
C ALA B 187 13.68 1.31 -0.59
N TYR B 188 12.98 0.47 0.17
CA TYR B 188 13.41 -0.88 0.47
C TYR B 188 12.25 -1.85 0.19
N ASP B 189 12.57 -3.14 0.19
CA ASP B 189 11.54 -4.17 0.19
C ASP B 189 11.07 -4.43 1.62
N LEU B 190 9.80 -4.82 1.75
CA LEU B 190 9.29 -5.19 3.07
C LEU B 190 9.66 -6.63 3.43
N GLU B 191 9.86 -7.48 2.43
CA GLU B 191 10.14 -8.89 2.65
C GLU B 191 11.27 -9.09 3.67
N ALA B 192 11.05 -10.03 4.58
CA ALA B 192 12.00 -10.50 5.60
C ALA B 192 12.28 -9.48 6.69
N MET B 193 11.59 -8.34 6.70
CA MET B 193 11.73 -7.42 7.81
C MET B 193 11.00 -7.97 9.04
N HIS B 194 11.33 -7.41 10.20
CA HIS B 194 10.70 -7.78 11.46
C HIS B 194 9.62 -6.75 11.79
N VAL B 195 8.39 -7.22 11.96
CA VAL B 195 7.24 -6.36 12.21
C VAL B 195 6.58 -6.80 13.50
N GLY B 196 6.29 -5.84 14.37
CA GLY B 196 5.64 -6.13 15.64
C GLY B 196 4.45 -5.23 15.87
N THR B 197 3.48 -5.76 16.63
CA THR B 197 2.27 -5.03 17.00
C THR B 197 2.12 -4.97 18.50
N ILE B 198 1.58 -3.84 18.98
CA ILE B 198 1.39 -3.63 20.41
C ILE B 198 0.14 -4.32 20.95
N ALA B 199 -0.78 -4.73 20.10
CA ALA B 199 -1.98 -5.41 20.55
C ALA B 199 -2.44 -6.39 19.49
N ALA B 200 -2.89 -7.56 19.93
CA ALA B 200 -3.33 -8.60 19.02
C ALA B 200 -4.85 -8.79 19.11
N GLY B 201 -5.60 -7.69 19.04
CA GLY B 201 -7.04 -7.74 19.04
C GLY B 201 -7.56 -7.99 17.64
N ARG B 202 -8.80 -7.57 17.42
CA ARG B 202 -9.41 -7.74 16.10
C ARG B 202 -8.57 -7.05 15.02
N ILE B 203 -8.15 -5.81 15.28
CA ILE B 203 -7.31 -5.09 14.32
C ILE B 203 -5.93 -5.71 14.26
N GLY B 204 -5.24 -5.78 15.40
CA GLY B 204 -3.89 -6.28 15.43
C GLY B 204 -3.74 -7.67 14.85
N LEU B 205 -4.75 -8.52 15.02
CA LEU B 205 -4.65 -9.87 14.46
C LEU B 205 -4.97 -9.87 12.98
N ALA B 206 -5.84 -8.97 12.51
CA ALA B 206 -6.07 -8.84 11.08
C ALA B 206 -4.83 -8.30 10.37
N VAL B 207 -4.09 -7.38 11.02
CA VAL B 207 -2.84 -6.88 10.44
C VAL B 207 -1.83 -8.01 10.32
N LEU B 208 -1.69 -8.82 11.37
CA LEU B 208 -0.73 -9.91 11.37
C LEU B 208 -1.03 -10.90 10.26
N ARG B 209 -2.30 -11.28 10.09
CA ARG B 209 -2.65 -12.24 9.05
C ARG B 209 -2.33 -11.70 7.66
N ARG B 210 -2.47 -10.39 7.46
CA ARG B 210 -2.19 -9.81 6.14
C ARG B 210 -0.70 -9.67 5.88
N LEU B 211 0.11 -9.49 6.93
CA LEU B 211 1.55 -9.36 6.74
C LEU B 211 2.24 -10.70 6.49
N ALA B 212 1.64 -11.80 6.94
CA ALA B 212 2.29 -13.11 6.86
C ALA B 212 2.76 -13.49 5.45
N PRO B 213 1.94 -13.41 4.39
CA PRO B 213 2.43 -13.84 3.06
C PRO B 213 3.53 -12.97 2.50
N PHE B 214 3.79 -11.80 3.09
CA PHE B 214 4.90 -10.96 2.65
C PHE B 214 6.24 -11.49 3.16
N ASP B 215 6.25 -12.59 3.91
CA ASP B 215 7.46 -13.21 4.43
C ASP B 215 8.19 -12.29 5.39
N VAL B 216 7.42 -11.62 6.26
CA VAL B 216 7.99 -10.83 7.32
C VAL B 216 8.11 -11.71 8.56
N HIS B 217 8.91 -11.26 9.53
CA HIS B 217 9.02 -11.92 10.81
C HIS B 217 8.15 -11.17 11.81
N LEU B 218 7.13 -11.86 12.33
CA LEU B 218 6.07 -11.22 13.08
C LEU B 218 6.31 -11.32 14.58
N HIS B 219 6.19 -10.19 15.27
CA HIS B 219 6.31 -10.10 16.71
C HIS B 219 5.06 -9.44 17.28
N TYR B 220 4.82 -9.64 18.57
CA TYR B 220 3.69 -8.97 19.20
C TYR B 220 3.81 -9.03 20.71
N THR B 221 3.26 -8.01 21.37
CA THR B 221 3.02 -8.02 22.80
C THR B 221 1.56 -7.67 23.05
N ASP B 222 1.08 -7.96 24.26
CA ASP B 222 -0.30 -7.71 24.63
C ASP B 222 -0.46 -8.00 26.12
N ARG B 223 -1.65 -7.70 26.64
CA ARG B 223 -1.98 -8.05 28.02
C ARG B 223 -2.09 -9.55 28.20
N HIS B 224 -2.67 -10.24 27.22
CA HIS B 224 -2.84 -11.68 27.27
C HIS B 224 -2.28 -12.30 25.99
N ARG B 225 -1.61 -13.43 26.14
CA ARG B 225 -1.06 -14.12 24.98
C ARG B 225 -2.20 -14.63 24.11
N LEU B 226 -1.89 -14.84 22.84
CA LEU B 226 -2.85 -15.52 21.98
C LEU B 226 -2.82 -17.01 22.24
N PRO B 227 -3.86 -17.74 21.84
CA PRO B 227 -3.78 -19.20 21.88
C PRO B 227 -2.58 -19.66 21.08
N GLU B 228 -1.93 -20.72 21.55
CA GLU B 228 -0.79 -21.22 20.80
C GLU B 228 -1.22 -21.86 19.49
N SER B 229 -2.51 -22.10 19.29
CA SER B 229 -3.01 -22.39 17.94
C SER B 229 -2.75 -21.22 17.00
N VAL B 230 -3.07 -20.00 17.45
CA VAL B 230 -2.96 -18.83 16.58
C VAL B 230 -1.54 -18.29 16.53
N GLU B 231 -0.81 -18.36 17.66
CA GLU B 231 0.59 -17.96 17.63
C GLU B 231 1.38 -18.75 16.61
N LYS B 232 0.99 -20.01 16.38
CA LYS B 232 1.66 -20.85 15.40
C LYS B 232 1.29 -20.46 13.97
N GLU B 233 0.00 -20.32 13.69
CA GLU B 233 -0.46 -20.09 12.32
C GLU B 233 0.32 -18.99 11.62
N LEU B 234 0.78 -17.97 12.36
CA LEU B 234 1.48 -16.83 11.78
C LEU B 234 2.93 -16.73 12.23
N ASN B 235 3.50 -17.80 12.80
CA ASN B 235 4.85 -17.81 13.36
C ASN B 235 5.14 -16.54 14.17
N LEU B 236 4.32 -16.34 15.20
CA LEU B 236 4.49 -15.18 16.05
C LEU B 236 5.59 -15.41 17.07
N THR B 237 6.29 -14.35 17.42
CA THR B 237 7.21 -14.32 18.54
C THR B 237 6.58 -13.47 19.64
N TRP B 238 6.53 -14.03 20.85
CA TRP B 238 5.90 -13.34 21.97
C TRP B 238 6.92 -12.46 22.70
N HIS B 239 6.45 -11.28 23.14
CA HIS B 239 7.23 -10.38 23.96
C HIS B 239 6.39 -9.99 25.17
N ALA B 240 6.99 -10.08 26.36
CA ALA B 240 6.24 -9.76 27.57
C ALA B 240 5.97 -8.27 27.70
N THR B 241 6.87 -7.43 27.17
CA THR B 241 6.72 -5.99 27.28
C THR B 241 6.94 -5.33 25.92
N ARG B 242 6.42 -4.11 25.80
CA ARG B 242 6.68 -3.30 24.62
C ARG B 242 8.17 -3.05 24.44
N GLU B 243 8.81 -2.50 25.48
CA GLU B 243 10.24 -2.19 25.45
C GLU B 243 11.10 -3.34 24.92
N ASP B 244 10.78 -4.60 25.27
CA ASP B 244 11.54 -5.74 24.78
C ASP B 244 11.30 -5.95 23.27
N MET B 245 10.16 -5.48 22.77
CA MET B 245 9.82 -5.68 21.37
C MET B 245 10.45 -4.65 20.45
N TYR B 246 10.51 -3.39 20.90
CA TYR B 246 11.07 -2.32 20.06
C TYR B 246 12.41 -2.64 19.42
N PRO B 247 13.44 -3.11 20.15
CA PRO B 247 14.77 -3.20 19.54
C PRO B 247 14.90 -4.23 18.44
N VAL B 248 14.01 -5.22 18.35
CA VAL B 248 14.11 -6.22 17.28
C VAL B 248 13.29 -5.85 16.04
N CYS B 249 12.52 -4.77 16.08
CA CYS B 249 11.53 -4.50 15.05
C CYS B 249 12.04 -3.50 14.03
N ASP B 250 11.87 -3.83 12.75
CA ASP B 250 12.03 -2.84 11.70
C ASP B 250 10.78 -1.96 11.58
N VAL B 251 9.61 -2.54 11.86
CA VAL B 251 8.33 -1.85 11.77
C VAL B 251 7.55 -2.12 13.05
N VAL B 252 7.00 -1.06 13.64
CA VAL B 252 6.16 -1.16 14.84
C VAL B 252 4.81 -0.53 14.52
N THR B 253 3.73 -1.26 14.77
CA THR B 253 2.38 -0.74 14.60
C THR B 253 1.67 -0.69 15.94
N LEU B 254 1.04 0.45 16.22
CA LEU B 254 0.24 0.65 17.43
C LEU B 254 -1.24 0.55 17.06
N ASN B 255 -1.91 -0.49 17.54
CA ASN B 255 -3.34 -0.69 17.31
C ASN B 255 -4.09 -0.65 18.63
N ILE B 256 -5.40 -0.49 18.54
CA ILE B 256 -6.20 -0.55 19.77
C ILE B 256 -6.47 -2.04 20.03
N PRO B 257 -6.72 -2.51 21.27
CA PRO B 257 -6.91 -1.69 22.47
C PRO B 257 -5.62 -1.14 23.10
N LEU B 258 -4.75 -0.58 22.28
CA LEU B 258 -3.52 0.13 22.65
C LEU B 258 -3.09 0.03 24.11
N PRO B 261 0.61 2.59 31.48
CA PRO B 261 1.39 3.51 30.64
C PRO B 261 0.90 3.55 29.20
N THR B 262 -0.11 4.37 28.92
CA THR B 262 -0.60 4.59 27.56
C THR B 262 -0.85 6.09 27.43
N GLU B 263 0.22 6.87 27.24
CA GLU B 263 0.15 8.33 27.12
C GLU B 263 1.57 8.81 27.00
N HIS B 264 2.04 9.06 25.77
CA HIS B 264 3.42 9.45 25.49
C HIS B 264 4.38 8.29 25.73
N MET B 265 3.89 7.08 25.47
CA MET B 265 4.71 5.88 25.57
C MET B 265 5.75 5.80 24.47
N ILE B 266 5.64 6.63 23.43
CA ILE B 266 6.70 6.85 22.46
C ILE B 266 7.21 8.27 22.68
N ASN B 267 8.44 8.39 23.18
CA ASN B 267 9.04 9.68 23.48
C ASN B 267 10.52 9.61 23.18
N ASP B 268 11.23 10.70 23.46
CA ASP B 268 12.66 10.79 23.14
C ASP B 268 13.44 9.68 23.83
N GLU B 269 13.09 9.35 25.07
CA GLU B 269 13.77 8.27 25.77
C GLU B 269 13.44 6.93 25.12
N THR B 270 12.16 6.71 24.78
CA THR B 270 11.73 5.44 24.22
C THR B 270 12.25 5.22 22.81
N LEU B 271 12.42 6.29 22.04
CA LEU B 271 12.87 6.15 20.65
C LEU B 271 14.32 5.70 20.56
N LYS B 272 15.10 5.82 21.64
CA LYS B 272 16.46 5.29 21.64
C LYS B 272 16.49 3.77 21.64
N LEU B 273 15.37 3.11 21.95
CA LEU B 273 15.29 1.66 21.90
C LEU B 273 15.05 1.11 20.51
N PHE B 274 14.74 1.98 19.53
CA PHE B 274 14.38 1.52 18.20
C PHE B 274 15.60 1.43 17.29
N LYS B 275 15.55 0.46 16.38
CA LYS B 275 16.58 0.33 15.37
C LYS B 275 16.65 1.59 14.52
N ARG B 276 17.83 1.87 13.98
CA ARG B 276 17.96 2.94 13.01
C ARG B 276 17.17 2.60 11.76
N GLY B 277 16.37 3.55 11.29
CA GLY B 277 15.53 3.30 10.13
C GLY B 277 14.23 2.59 10.41
N ALA B 278 13.76 2.63 11.66
CA ALA B 278 12.50 1.98 11.98
C ALA B 278 11.32 2.78 11.43
N TYR B 279 10.19 2.10 11.28
CA TYR B 279 8.95 2.71 10.82
C TYR B 279 7.88 2.51 11.89
N ILE B 280 7.09 3.56 12.12
CA ILE B 280 5.99 3.51 13.09
C ILE B 280 4.69 3.85 12.35
N VAL B 281 3.68 3.01 12.55
CA VAL B 281 2.33 3.27 12.05
C VAL B 281 1.40 3.29 13.25
N ASN B 282 0.73 4.42 13.48
CA ASN B 282 -0.08 4.63 14.67
C ASN B 282 -1.50 4.99 14.24
N THR B 283 -2.42 4.03 14.34
CA THR B 283 -3.84 4.27 14.17
C THR B 283 -4.59 4.23 15.49
N ALA B 284 -3.89 4.03 16.61
CA ALA B 284 -4.55 3.88 17.90
C ALA B 284 -4.98 5.23 18.46
N ARG B 285 -4.02 6.03 18.92
CA ARG B 285 -4.31 7.36 19.45
C ARG B 285 -3.13 8.28 19.21
N GLY B 286 -3.44 9.55 18.90
CA GLY B 286 -2.39 10.51 18.61
C GLY B 286 -1.38 10.66 19.73
N LYS B 287 -1.86 10.75 20.95
CA LYS B 287 -1.01 10.96 22.13
C LYS B 287 -0.19 9.74 22.50
N LEU B 288 -0.44 8.58 21.93
CA LEU B 288 0.48 7.49 22.21
C LEU B 288 1.92 7.90 21.90
N CYS B 289 2.13 8.79 20.93
CA CYS B 289 3.45 9.28 20.54
C CYS B 289 3.59 10.75 20.90
N ASP B 290 4.74 11.12 21.47
CA ASP B 290 5.02 12.53 21.71
C ASP B 290 5.19 13.24 20.37
N ARG B 291 4.42 14.31 20.18
CA ARG B 291 4.33 14.96 18.86
C ARG B 291 5.71 15.36 18.34
N ASP B 292 6.51 16.03 19.16
CA ASP B 292 7.78 16.56 18.68
C ASP B 292 8.92 15.54 18.75
N ALA B 293 8.83 14.56 19.64
CA ALA B 293 9.82 13.48 19.64
C ALA B 293 9.80 12.69 18.34
N VAL B 294 8.61 12.48 17.78
CA VAL B 294 8.50 11.76 16.51
C VAL B 294 9.10 12.60 15.38
N ALA B 295 8.71 13.88 15.30
CA ALA B 295 9.22 14.75 14.24
C ALA B 295 10.74 14.88 14.30
N ARG B 296 11.28 15.12 15.49
CA ARG B 296 12.73 15.17 15.66
C ARG B 296 13.37 13.88 15.15
N ALA B 297 12.78 12.73 15.48
CA ALA B 297 13.33 11.45 15.06
C ALA B 297 13.35 11.33 13.54
N LEU B 298 12.34 11.87 12.88
CA LEU B 298 12.32 11.84 11.42
C LEU B 298 13.33 12.82 10.84
N GLU B 299 13.59 13.95 11.51
CA GLU B 299 14.55 14.91 11.01
C GLU B 299 16.00 14.48 11.19
N SER B 300 16.28 13.58 12.13
CA SER B 300 17.63 13.12 12.41
C SER B 300 17.97 11.81 11.73
N GLY B 301 16.99 11.12 11.18
CA GLY B 301 17.22 9.86 10.50
C GLY B 301 17.13 8.63 11.37
N ARG B 302 16.79 8.78 12.65
CA ARG B 302 16.59 7.63 13.51
C ARG B 302 15.35 6.85 13.09
N LEU B 303 14.30 7.54 12.67
CA LEU B 303 13.14 6.93 12.05
C LEU B 303 13.18 7.12 10.54
N ALA B 304 12.86 6.06 9.81
CA ALA B 304 12.78 6.14 8.36
C ALA B 304 11.39 6.47 7.85
N GLY B 305 10.38 6.45 8.73
CA GLY B 305 9.03 6.80 8.33
C GLY B 305 8.04 6.74 9.49
N TYR B 306 7.02 7.60 9.45
CA TYR B 306 5.92 7.57 10.40
C TYR B 306 4.63 7.86 9.65
N ALA B 307 3.62 7.02 9.85
CA ALA B 307 2.33 7.21 9.21
C ALA B 307 1.22 6.87 10.19
N GLY B 308 0.03 7.39 9.89
CA GLY B 308 -1.11 7.15 10.74
C GLY B 308 -2.24 8.09 10.38
N ASP B 309 -3.35 7.93 11.09
CA ASP B 309 -4.50 8.79 10.87
C ASP B 309 -5.04 9.38 12.17
N VAL B 310 -4.32 9.26 13.27
CA VAL B 310 -4.73 9.83 14.54
C VAL B 310 -3.72 10.90 14.95
N TRP B 311 -4.22 11.97 15.56
CA TRP B 311 -3.43 13.16 15.83
C TRP B 311 -3.75 13.66 17.23
N PHE B 312 -2.89 14.58 17.71
CA PHE B 312 -3.25 15.41 18.86
C PHE B 312 -2.77 16.83 18.54
N PRO B 313 -3.65 17.83 18.65
CA PRO B 313 -5.08 17.63 18.92
C PRO B 313 -5.84 17.20 17.66
N GLN B 314 -7.13 16.91 17.82
CA GLN B 314 -7.94 16.43 16.71
C GLN B 314 -9.22 17.25 16.66
N PRO B 315 -9.57 17.84 15.50
CA PRO B 315 -8.80 17.84 14.26
C PRO B 315 -7.49 18.62 14.38
N ALA B 316 -6.48 18.23 13.60
CA ALA B 316 -5.18 18.85 13.73
C ALA B 316 -5.22 20.28 13.23
N PRO B 317 -4.61 21.23 13.95
CA PRO B 317 -4.48 22.59 13.42
C PRO B 317 -3.64 22.58 12.15
N LYS B 318 -3.70 23.69 11.41
CA LYS B 318 -3.15 23.68 10.07
C LYS B 318 -1.62 23.64 10.06
N ASP B 319 -0.98 24.00 11.17
CA ASP B 319 0.47 23.98 11.25
C ASP B 319 0.98 22.84 12.13
N HIS B 320 0.17 21.82 12.36
CA HIS B 320 0.60 20.64 13.09
C HIS B 320 1.86 20.08 12.43
N PRO B 321 2.94 19.86 13.20
CA PRO B 321 4.20 19.44 12.55
C PRO B 321 4.09 18.15 11.78
N TRP B 322 3.20 17.24 12.18
CA TRP B 322 3.08 15.95 11.50
C TRP B 322 2.57 16.08 10.07
N ARG B 323 2.07 17.26 9.67
CA ARG B 323 1.57 17.41 8.31
C ARG B 323 2.70 17.49 7.30
N THR B 324 3.85 18.04 7.68
CA THR B 324 4.93 18.31 6.74
C THR B 324 6.28 17.72 7.13
N MET B 325 6.37 16.98 8.23
CA MET B 325 7.66 16.41 8.62
C MET B 325 8.12 15.39 7.58
N PRO B 326 9.43 15.16 7.47
CA PRO B 326 9.94 14.27 6.42
C PRO B 326 9.49 12.84 6.62
N TYR B 327 9.15 12.18 5.51
CA TYR B 327 8.84 10.76 5.49
C TYR B 327 7.64 10.44 6.36
N ASN B 328 6.61 11.28 6.27
CA ASN B 328 5.34 11.00 6.91
C ASN B 328 4.35 10.48 5.88
N GLY B 329 3.44 9.63 6.33
CA GLY B 329 2.36 9.13 5.50
C GLY B 329 1.01 9.37 6.11
N MET B 330 0.83 10.56 6.69
CA MET B 330 -0.36 10.86 7.47
C MET B 330 -1.59 11.00 6.57
N THR B 331 -2.73 10.65 7.13
CA THR B 331 -4.03 11.01 6.58
C THR B 331 -4.85 11.60 7.71
N PRO B 332 -5.95 12.28 7.39
CA PRO B 332 -6.90 12.65 8.45
C PRO B 332 -7.52 11.41 9.06
N HIS B 333 -8.29 11.61 10.13
CA HIS B 333 -8.87 10.50 10.86
C HIS B 333 -10.01 9.85 10.08
N ILE B 334 -9.69 8.87 9.22
CA ILE B 334 -10.67 8.37 8.26
C ILE B 334 -10.61 6.85 8.10
N SER B 335 -9.68 6.18 8.78
CA SER B 335 -9.39 4.79 8.44
C SER B 335 -10.60 3.88 8.62
N GLY B 336 -11.42 4.15 9.62
CA GLY B 336 -12.58 3.30 9.84
C GLY B 336 -13.90 3.86 9.34
N THR B 337 -13.84 4.77 8.36
CA THR B 337 -15.06 5.37 7.84
C THR B 337 -15.05 5.39 6.32
N THR B 338 -14.50 4.35 5.70
CA THR B 338 -14.75 4.12 4.29
C THR B 338 -16.25 3.93 4.05
N LEU B 339 -16.66 4.07 2.79
CA LEU B 339 -18.06 3.84 2.47
C LEU B 339 -18.49 2.43 2.84
N THR B 340 -17.57 1.47 2.76
CA THR B 340 -17.90 0.10 3.16
C THR B 340 -18.20 0.02 4.65
N ALA B 341 -17.31 0.55 5.48
CA ALA B 341 -17.54 0.53 6.92
C ALA B 341 -18.77 1.35 7.31
N GLN B 342 -19.02 2.46 6.61
CA GLN B 342 -20.21 3.27 6.90
C GLN B 342 -21.47 2.45 6.71
N ALA B 343 -21.55 1.69 5.61
CA ALA B 343 -22.71 0.85 5.37
C ALA B 343 -22.95 -0.12 6.52
N ARG B 344 -21.88 -0.61 7.14
CA ARG B 344 -22.05 -1.59 8.21
C ARG B 344 -22.50 -0.94 9.51
N TYR B 345 -21.85 0.15 9.92
CA TYR B 345 -22.25 0.73 11.20
C TYR B 345 -23.46 1.64 11.10
N ALA B 346 -23.90 2.00 9.89
CA ALA B 346 -25.22 2.60 9.74
C ALA B 346 -26.31 1.55 9.91
N ALA B 347 -26.10 0.36 9.35
CA ALA B 347 -27.02 -0.75 9.57
C ALA B 347 -27.02 -1.17 11.03
N GLY B 348 -25.84 -1.22 11.66
CA GLY B 348 -25.77 -1.58 13.07
C GLY B 348 -26.41 -0.55 13.98
N THR B 349 -26.29 0.73 13.61
CA THR B 349 -26.93 1.78 14.40
C THR B 349 -28.44 1.61 14.39
N ARG B 350 -29.01 1.29 13.23
CA ARG B 350 -30.45 1.07 13.14
C ARG B 350 -30.87 -0.18 13.89
N GLU B 351 -30.10 -1.28 13.76
CA GLU B 351 -30.39 -2.49 14.51
C GLU B 351 -30.45 -2.23 16.01
N ILE B 352 -29.52 -1.41 16.52
CA ILE B 352 -29.51 -1.10 17.94
C ILE B 352 -30.71 -0.24 18.31
N LEU B 353 -31.02 0.76 17.48
CA LEU B 353 -32.17 1.62 17.77
C LEU B 353 -33.48 0.84 17.69
N GLU B 354 -33.59 -0.09 16.75
CA GLU B 354 -34.78 -0.94 16.66
C GLU B 354 -34.94 -1.78 17.92
N CYS B 355 -33.85 -2.40 18.38
CA CYS B 355 -33.91 -3.20 19.61
C CYS B 355 -34.27 -2.32 20.81
N PHE B 356 -33.68 -1.12 20.87
CA PHE B 356 -33.88 -0.27 22.03
C PHE B 356 -35.32 0.21 22.15
N PHE B 357 -35.87 0.77 21.07
CA PHE B 357 -37.20 1.34 21.14
C PHE B 357 -38.28 0.26 21.25
N GLU B 358 -38.04 -0.90 20.65
CA GLU B 358 -38.99 -2.01 20.71
C GLU B 358 -38.85 -2.86 21.96
N GLY B 359 -37.87 -2.55 22.83
CA GLY B 359 -37.73 -3.26 24.07
C GLY B 359 -37.15 -4.65 23.95
N ARG B 360 -36.49 -4.97 22.85
CA ARG B 360 -35.84 -6.26 22.69
C ARG B 360 -34.37 -6.17 23.09
N PRO B 361 -33.75 -7.29 23.47
CA PRO B 361 -32.35 -7.24 23.91
C PRO B 361 -31.41 -6.81 22.79
N ILE B 362 -30.52 -5.88 23.11
CA ILE B 362 -29.43 -5.54 22.22
C ILE B 362 -28.44 -6.69 22.18
N ARG B 363 -27.84 -6.94 21.01
CA ARG B 363 -26.81 -7.95 20.87
C ARG B 363 -25.77 -7.81 21.98
N ASP B 364 -25.39 -8.96 22.55
CA ASP B 364 -24.42 -8.96 23.64
C ASP B 364 -23.12 -8.27 23.24
N GLU B 365 -22.61 -8.56 22.04
CA GLU B 365 -21.33 -8.00 21.63
C GLU B 365 -21.40 -6.50 21.32
N TYR B 366 -22.59 -5.92 21.26
CA TYR B 366 -22.72 -4.48 21.04
C TYR B 366 -22.63 -3.68 22.34
N LEU B 367 -22.85 -4.31 23.49
CA LEU B 367 -23.07 -3.59 24.73
C LEU B 367 -21.76 -3.27 25.44
N ILE B 368 -21.62 -2.03 25.88
CA ILE B 368 -20.54 -1.61 26.76
C ILE B 368 -21.04 -1.34 28.16
N VAL B 369 -22.18 -0.65 28.29
CA VAL B 369 -22.84 -0.41 29.57
C VAL B 369 -24.32 -0.66 29.38
N GLN B 370 -24.90 -1.44 30.29
CA GLN B 370 -26.34 -1.73 30.22
C GLN B 370 -27.02 -1.56 31.57
C1 GOL C . 27.35 11.65 -16.77
O1 GOL C . 26.02 12.09 -16.89
C2 GOL C . 27.42 10.28 -17.50
O2 GOL C . 26.37 10.09 -18.37
C3 GOL C . 28.81 10.28 -18.22
O3 GOL C . 28.57 9.94 -19.56
#